data_4C0D
#
_entry.id   4C0D
#
_cell.length_a   91.570
_cell.length_b   165.920
_cell.length_c   78.830
_cell.angle_alpha   90.00
_cell.angle_beta   90.00
_cell.angle_gamma   90.00
#
_symmetry.space_group_name_H-M   'P 21 21 2'
#
loop_
_entity.id
_entity.type
_entity.pdbx_description
1 polymer 'CCR4-NOT TRANSCRIPTION COMPLEX SUBUNIT 1'
2 polymer 'CCR4-NOT TRANSCRIPTION COMPLEX SUBUNIT 2'
3 polymer 'CCR4-NOT TRANSCRIPTION COMPLEX SUBUNIT 3'
#
loop_
_entity_poly.entity_id
_entity_poly.type
_entity_poly.pdbx_seq_one_letter_code
_entity_poly.pdbx_strand_id
1 'polypeptide(L)'
;GHMLEDPKQLAVYEEFARNVPGFLPTNDLSQPTGFLAQPMKQAWATDDVAQIYDKCITELEQHLHAIPPTLAMNPQAQAL
RSLLEVVVLSRNSRDAIAALGLLQKAVEGLLDATSGADADLLLRYRECHLLVLKALQDGRAYGSPWCNKQITRCLIECRD
EYKYNVEAVELLIRNHLVNMQQYDLHLAQSMENGLNYMAVAFAMQLVKILLVDERSVAHVTEADLFHTIETLMRINAHSR
GNAPEGLPQLMEVVRSNYEAMIDRAHGGPNFMMHSGISQASEYDDPPGLREKAEYLLREWVNLYHSAAAGRDSTKAFSAF
VGQMHQQGILKTDDLITRFFRLCTEMCVEISYRAQAEQQHNPAANPTMIRAKCYHNLDAFVRLIALLVKHSGEATNTVTK
INLLNKVLGIVVGVLLQDHDVRQSEFQQLPYHRIFIMLLLELNAPEHVLETINFQTLTAFCNTFHILRPTKAPGFVYAWL
ELISHRIFIARMLAHTPQQKGWPMYAQLLIDLFKYLAPFLRNVELTKPMQILYKGTLRVLLVLLHDFPEFLCDYHYGFCD
VIPPNCIQLRNLILSAFPRNMRLPDPFTPNLKVDMLSEINIAPRILTNFTGVMPPQFKKDLDSYLKTRSPVTFLSDLRSN
LQVSNEPGNRYNLQLINALVLYVGTQAIAHIHNKGSTPSMSTITHSAHMDIFQNLAVDLDTEGRYLFLNAIANQLRYPNS
HTHYFSCTMLYLFAEANTEAIQEQITRVLLERLIVNRPHPWGLLITFIELIKNPAFKFWNHEFVHCAPEIEKLFQSVAQC
CMGQKQAQQVME
;
A
2 'polypeptide(L)'
;GPHMTNIPQGMVTDQFGMIGLLTFIRAAETDPGMVHLALGSDLTTLGLNLNSPENLYPKFASPWASSPCRPQDIDFHVPS
EYLTNIHIRDKLAAIKLGRYGEDLLFYLYYMNGGDVLQLLAAVELFNRDWRYHKEERVWITRAPGMEPTMKTNTYERGTY
YFFDCLNWRKVAKEFHLEYDKLEERPHLPSTFNYNPAQQAF
;
B
3 'polypeptide(L)'
;MGSSHHHHHHSSGTGSGHMLTKEQLYQQAMEEAAWHHMPHPSDSERIRQYLPRNPCPTPPYHHQMPPPHSDTVEFYQRLS
TETLFFIFYYLEGTKAQYLAAKALKKQSWRFHTKYMMWFQRHEEPKTITDEFEQGTYIYFDYEKWGQRKKEGFTFEYRYL
EDRDLQ
;
C
#
# COMPACT_ATOMS: atom_id res chain seq x y z
N TYR A 283 -33.70 -9.18 26.63
CA TYR A 283 -34.31 -7.91 26.26
C TYR A 283 -33.82 -7.42 24.91
N ASP A 284 -32.65 -7.91 24.51
CA ASP A 284 -32.05 -7.52 23.23
C ASP A 284 -32.85 -8.12 22.07
N ASP A 285 -32.76 -9.45 21.92
CA ASP A 285 -33.46 -10.14 20.86
C ASP A 285 -34.63 -10.93 21.39
N PRO A 286 -35.64 -11.19 20.54
CA PRO A 286 -36.71 -12.12 20.91
C PRO A 286 -36.13 -13.52 21.05
N PRO A 287 -36.71 -14.33 21.94
CA PRO A 287 -36.18 -15.68 22.22
C PRO A 287 -36.25 -16.60 21.01
N GLY A 288 -35.22 -17.43 20.84
CA GLY A 288 -35.18 -18.40 19.76
C GLY A 288 -34.55 -17.88 18.49
N LEU A 289 -34.32 -16.57 18.42
CA LEU A 289 -33.78 -15.94 17.22
C LEU A 289 -32.32 -16.30 16.98
N ARG A 290 -31.54 -16.36 18.06
CA ARG A 290 -30.13 -16.70 17.95
C ARG A 290 -29.94 -18.12 17.42
N GLU A 291 -30.87 -19.00 17.76
CA GLU A 291 -30.82 -20.39 17.31
C GLU A 291 -31.13 -20.47 15.82
N LYS A 292 -32.10 -19.70 15.36
CA LYS A 292 -32.43 -19.61 13.94
C LYS A 292 -31.24 -19.09 13.17
N ALA A 293 -30.64 -18.02 13.67
CA ALA A 293 -29.49 -17.40 13.04
C ALA A 293 -28.31 -18.36 12.96
N GLU A 294 -28.09 -19.08 14.05
CA GLU A 294 -26.99 -20.05 14.13
C GLU A 294 -27.19 -21.18 13.12
N TYR A 295 -28.38 -21.76 13.13
CA TYR A 295 -28.73 -22.83 12.21
C TYR A 295 -28.57 -22.40 10.75
N LEU A 296 -29.16 -21.27 10.41
CA LEU A 296 -29.10 -20.75 9.04
C LEU A 296 -27.68 -20.45 8.59
N LEU A 297 -26.92 -19.75 9.43
CA LEU A 297 -25.54 -19.40 9.11
C LEU A 297 -24.71 -20.66 8.89
N ARG A 298 -24.79 -21.59 9.84
CA ARG A 298 -24.04 -22.84 9.76
C ARG A 298 -24.39 -23.63 8.50
N GLU A 299 -25.68 -23.68 8.19
CA GLU A 299 -26.15 -24.36 6.99
C GLU A 299 -25.60 -23.71 5.72
N TRP A 300 -25.56 -22.38 5.70
CA TRP A 300 -25.01 -21.68 4.55
C TRP A 300 -23.51 -21.94 4.43
N VAL A 301 -22.84 -22.07 5.57
CA VAL A 301 -21.43 -22.43 5.58
C VAL A 301 -21.25 -23.81 4.95
N ASN A 302 -22.16 -24.71 5.28
CA ASN A 302 -22.15 -26.06 4.70
C ASN A 302 -22.37 -26.04 3.19
N LEU A 303 -23.31 -25.22 2.75
CA LEU A 303 -23.66 -25.14 1.32
C LEU A 303 -22.56 -24.49 0.50
N TYR A 304 -21.96 -23.44 1.05
CA TYR A 304 -20.94 -22.67 0.34
C TYR A 304 -19.71 -23.50 0.00
N HIS A 305 -19.30 -24.34 0.93
CA HIS A 305 -18.12 -25.18 0.73
C HIS A 305 -18.49 -26.54 0.14
N SER A 306 -19.77 -26.76 -0.08
CA SER A 306 -20.24 -27.99 -0.70
C SER A 306 -19.89 -28.01 -2.18
N ALA A 307 -19.98 -29.19 -2.80
CA ALA A 307 -19.70 -29.33 -4.22
C ALA A 307 -20.73 -28.54 -5.03
N ALA A 308 -20.52 -27.24 -5.14
CA ALA A 308 -21.47 -26.36 -5.81
C ALA A 308 -20.82 -25.38 -6.78
N ALA A 309 -21.15 -25.52 -8.06
CA ALA A 309 -20.68 -24.58 -9.07
C ALA A 309 -21.67 -23.43 -9.20
N GLY A 310 -21.64 -22.72 -10.33
CA GLY A 310 -22.53 -21.58 -10.54
C GLY A 310 -24.01 -21.91 -10.44
N ARG A 311 -24.48 -22.83 -11.27
CA ARG A 311 -25.89 -23.24 -11.26
C ARG A 311 -26.28 -23.84 -9.91
N ASP A 312 -25.39 -24.65 -9.36
CA ASP A 312 -25.61 -25.26 -8.06
C ASP A 312 -25.71 -24.18 -6.99
N SER A 313 -24.91 -23.12 -7.15
CA SER A 313 -24.95 -22.00 -6.22
C SER A 313 -26.25 -21.23 -6.35
N THR A 314 -26.80 -21.17 -7.57
CA THR A 314 -28.08 -20.51 -7.78
C THR A 314 -29.22 -21.29 -7.13
N LYS A 315 -29.21 -22.60 -7.33
CA LYS A 315 -30.22 -23.47 -6.72
C LYS A 315 -30.14 -23.42 -5.19
N ALA A 316 -28.92 -23.55 -4.67
CA ALA A 316 -28.69 -23.51 -3.23
C ALA A 316 -29.06 -22.16 -2.64
N PHE A 317 -28.83 -21.10 -3.40
CA PHE A 317 -29.17 -19.75 -2.94
C PHE A 317 -30.68 -19.56 -2.90
N SER A 318 -31.37 -20.01 -3.94
CA SER A 318 -32.83 -19.91 -3.98
C SER A 318 -33.45 -20.71 -2.83
N ALA A 319 -32.94 -21.92 -2.62
CA ALA A 319 -33.43 -22.77 -1.54
C ALA A 319 -33.16 -22.15 -0.17
N PHE A 320 -31.97 -21.60 0.00
CA PHE A 320 -31.57 -20.99 1.27
C PHE A 320 -32.39 -19.75 1.59
N VAL A 321 -32.64 -18.94 0.57
CA VAL A 321 -33.49 -17.75 0.73
C VAL A 321 -34.91 -18.20 1.08
N GLY A 322 -35.34 -19.29 0.45
CA GLY A 322 -36.64 -19.87 0.75
C GLY A 322 -36.77 -20.24 2.22
N GLN A 323 -35.84 -21.04 2.71
CA GLN A 323 -35.83 -21.46 4.11
C GLN A 323 -35.70 -20.25 5.04
N MET A 324 -34.96 -19.25 4.59
CA MET A 324 -34.75 -18.03 5.36
C MET A 324 -36.06 -17.28 5.52
N HIS A 325 -36.88 -17.28 4.47
CA HIS A 325 -38.22 -16.72 4.55
C HIS A 325 -39.08 -17.55 5.49
N GLN A 326 -38.98 -18.86 5.35
CA GLN A 326 -39.81 -19.78 6.13
C GLN A 326 -39.55 -19.68 7.64
N GLN A 327 -38.33 -19.34 8.02
CA GLN A 327 -37.98 -19.24 9.43
C GLN A 327 -38.46 -17.93 10.05
N GLY A 328 -39.10 -17.09 9.23
CA GLY A 328 -39.68 -15.84 9.71
C GLY A 328 -38.66 -14.80 10.10
N ILE A 329 -37.59 -14.70 9.32
CA ILE A 329 -36.53 -13.73 9.60
C ILE A 329 -36.66 -12.49 8.72
N LEU A 330 -36.96 -12.70 7.43
CA LEU A 330 -37.08 -11.59 6.50
C LEU A 330 -38.46 -10.92 6.59
N LYS A 331 -39.13 -11.09 7.73
CA LYS A 331 -40.45 -10.52 7.93
C LYS A 331 -40.39 -9.00 8.06
N THR A 332 -39.42 -8.51 8.82
CA THR A 332 -39.24 -7.08 9.01
C THR A 332 -37.76 -6.69 8.98
N ASP A 333 -37.49 -5.41 8.76
CA ASP A 333 -36.12 -4.91 8.70
C ASP A 333 -35.40 -5.10 10.04
N ASP A 334 -36.17 -5.05 11.13
CA ASP A 334 -35.62 -5.26 12.46
C ASP A 334 -35.01 -6.66 12.58
N LEU A 335 -35.80 -7.68 12.28
CA LEU A 335 -35.35 -9.06 12.36
C LEU A 335 -34.18 -9.34 11.41
N ILE A 336 -34.16 -8.63 10.29
CA ILE A 336 -33.05 -8.73 9.35
C ILE A 336 -31.77 -8.19 9.98
N THR A 337 -31.88 -7.01 10.59
CA THR A 337 -30.77 -6.40 11.30
C THR A 337 -30.23 -7.33 12.37
N ARG A 338 -31.16 -7.88 13.17
CA ARG A 338 -30.80 -8.83 14.22
C ARG A 338 -30.09 -10.05 13.65
N PHE A 339 -30.57 -10.52 12.50
CA PHE A 339 -29.98 -11.68 11.84
C PHE A 339 -28.54 -11.43 11.43
N PHE A 340 -28.33 -10.37 10.65
CA PHE A 340 -26.99 -10.01 10.20
C PHE A 340 -26.05 -9.77 11.37
N ARG A 341 -26.54 -9.10 12.40
CA ARG A 341 -25.75 -8.83 13.60
C ARG A 341 -25.34 -10.12 14.29
N LEU A 342 -26.29 -11.03 14.46
CA LEU A 342 -26.03 -12.31 15.11
C LEU A 342 -25.02 -13.15 14.33
N CYS A 343 -25.17 -13.17 13.01
CA CYS A 343 -24.22 -13.89 12.16
C CYS A 343 -22.81 -13.31 12.29
N THR A 344 -22.74 -11.98 12.24
CA THR A 344 -21.47 -11.27 12.39
C THR A 344 -20.79 -11.64 13.72
N GLU A 345 -21.55 -11.49 14.81
CA GLU A 345 -21.05 -11.80 16.14
C GLU A 345 -20.58 -13.24 16.23
N MET A 346 -21.32 -14.15 15.60
CA MET A 346 -20.96 -15.56 15.60
C MET A 346 -19.63 -15.79 14.89
N CYS A 347 -19.45 -15.17 13.74
CA CYS A 347 -18.19 -15.28 13.00
C CYS A 347 -17.03 -14.75 13.84
N VAL A 348 -17.26 -13.60 14.46
CA VAL A 348 -16.27 -12.98 15.34
C VAL A 348 -15.85 -13.92 16.47
N GLU A 349 -16.84 -14.45 17.18
CA GLU A 349 -16.58 -15.36 18.30
C GLU A 349 -15.87 -16.62 17.84
N ILE A 350 -16.20 -17.08 16.64
CA ILE A 350 -15.50 -18.22 16.05
C ILE A 350 -14.03 -17.90 15.86
N SER A 351 -13.75 -16.71 15.35
CA SER A 351 -12.38 -16.24 15.17
C SER A 351 -11.63 -16.20 16.51
N TYR A 352 -12.29 -15.64 17.53
CA TYR A 352 -11.71 -15.57 18.86
C TYR A 352 -11.40 -16.94 19.44
N ARG A 353 -12.32 -17.90 19.23
CA ARG A 353 -12.11 -19.27 19.67
C ARG A 353 -10.91 -19.89 18.95
N ALA A 354 -10.79 -19.60 17.67
CA ALA A 354 -9.67 -20.10 16.88
C ALA A 354 -8.34 -19.58 17.40
N GLN A 355 -8.29 -18.27 17.65
CA GLN A 355 -7.07 -17.64 18.15
C GLN A 355 -6.70 -18.15 19.54
N ALA A 356 -7.70 -18.30 20.40
CA ALA A 356 -7.47 -18.83 21.75
C ALA A 356 -6.96 -20.26 21.69
N GLU A 357 -7.54 -21.04 20.77
CA GLU A 357 -7.10 -22.41 20.55
C GLU A 357 -5.66 -22.45 20.09
N GLN A 358 -5.28 -21.48 19.25
CA GLN A 358 -3.91 -21.39 18.76
C GLN A 358 -2.94 -21.03 19.87
N GLN A 359 -3.36 -20.10 20.74
CA GLN A 359 -2.50 -19.67 21.83
C GLN A 359 -2.31 -20.75 22.89
N HIS A 360 -3.39 -21.44 23.24
CA HIS A 360 -3.31 -22.52 24.22
C HIS A 360 -2.53 -23.72 23.69
N ASN A 361 -2.66 -23.99 22.40
CA ASN A 361 -1.91 -25.06 21.76
C ASN A 361 -1.06 -24.55 20.59
N PRO A 362 0.11 -23.96 20.91
CA PRO A 362 1.01 -23.40 19.90
C PRO A 362 1.51 -24.44 18.91
N ALA A 363 1.44 -25.72 19.28
CA ALA A 363 1.90 -26.80 18.41
C ALA A 363 0.96 -27.00 17.22
N ALA A 364 -0.26 -26.50 17.34
CA ALA A 364 -1.26 -26.62 16.27
C ALA A 364 -0.85 -25.80 15.05
N ASN A 365 -1.20 -26.29 13.87
CA ASN A 365 -0.88 -25.62 12.62
C ASN A 365 -1.68 -24.34 12.46
N PRO A 366 -0.99 -23.19 12.43
CA PRO A 366 -1.63 -21.87 12.30
C PRO A 366 -2.40 -21.73 10.99
N THR A 367 -1.99 -22.47 9.97
CA THR A 367 -2.64 -22.43 8.67
C THR A 367 -4.09 -22.89 8.76
N MET A 368 -4.33 -23.97 9.48
CA MET A 368 -5.67 -24.49 9.67
C MET A 368 -6.50 -23.58 10.56
N ILE A 369 -5.85 -23.04 11.58
CA ILE A 369 -6.47 -22.09 12.51
C ILE A 369 -7.00 -20.89 11.74
N ARG A 370 -6.21 -20.41 10.78
CA ARG A 370 -6.64 -19.35 9.90
C ARG A 370 -7.70 -19.84 8.93
N ALA A 371 -7.62 -21.12 8.57
CA ALA A 371 -8.53 -21.71 7.60
C ALA A 371 -9.95 -21.85 8.11
N LYS A 372 -10.11 -21.95 9.44
CA LYS A 372 -11.45 -21.99 10.04
C LYS A 372 -12.14 -20.63 9.91
N CYS A 373 -11.43 -19.60 10.35
CA CYS A 373 -11.90 -18.23 10.24
C CYS A 373 -12.22 -17.93 8.79
N TYR A 374 -11.29 -18.27 7.90
CA TYR A 374 -11.48 -18.08 6.47
C TYR A 374 -12.74 -18.78 5.99
N HIS A 375 -12.93 -20.01 6.45
CA HIS A 375 -14.09 -20.82 6.11
C HIS A 375 -15.38 -20.04 6.40
N ASN A 376 -15.65 -19.83 7.69
CA ASN A 376 -16.89 -19.18 8.09
C ASN A 376 -17.07 -17.76 7.52
N LEU A 377 -16.02 -16.96 7.58
CA LEU A 377 -16.06 -15.59 7.10
C LEU A 377 -16.33 -15.49 5.61
N ASP A 378 -15.63 -16.31 4.82
CA ASP A 378 -15.87 -16.34 3.37
C ASP A 378 -17.30 -16.75 3.07
N ALA A 379 -17.79 -17.75 3.80
CA ALA A 379 -19.18 -18.17 3.64
C ALA A 379 -20.14 -17.00 3.86
N PHE A 380 -20.03 -16.36 5.02
CA PHE A 380 -20.89 -15.23 5.38
C PHE A 380 -20.82 -14.10 4.35
N VAL A 381 -19.60 -13.75 3.95
CA VAL A 381 -19.37 -12.71 2.95
C VAL A 381 -20.08 -13.04 1.64
N ARG A 382 -19.92 -14.27 1.18
CA ARG A 382 -20.57 -14.71 -0.05
C ARG A 382 -22.08 -14.58 0.07
N LEU A 383 -22.61 -14.95 1.24
CA LEU A 383 -24.04 -14.80 1.50
C LEU A 383 -24.47 -13.34 1.35
N ILE A 384 -23.72 -12.44 1.99
CA ILE A 384 -24.02 -11.01 1.94
C ILE A 384 -24.03 -10.49 0.50
N ALA A 385 -22.97 -10.82 -0.23
CA ALA A 385 -22.85 -10.39 -1.62
C ALA A 385 -24.02 -10.89 -2.47
N LEU A 386 -24.33 -12.16 -2.35
CA LEU A 386 -25.45 -12.74 -3.09
C LEU A 386 -26.78 -12.09 -2.72
N LEU A 387 -26.93 -11.72 -1.45
CA LEU A 387 -28.14 -11.04 -0.99
C LEU A 387 -28.26 -9.65 -1.58
N VAL A 388 -27.13 -8.94 -1.66
CA VAL A 388 -27.11 -7.60 -2.22
C VAL A 388 -27.40 -7.62 -3.72
N LYS A 389 -26.79 -8.55 -4.43
CA LYS A 389 -26.94 -8.65 -5.88
C LYS A 389 -28.39 -8.90 -6.30
N HIS A 390 -29.07 -9.79 -5.59
CA HIS A 390 -30.41 -10.21 -5.98
C HIS A 390 -31.51 -9.49 -5.20
N SER A 391 -31.18 -8.34 -4.65
CA SER A 391 -32.15 -7.55 -3.90
C SER A 391 -33.04 -6.73 -4.84
N GLY A 392 -34.30 -7.12 -4.94
CA GLY A 392 -35.24 -6.43 -5.81
C GLY A 392 -35.02 -6.78 -7.27
N GLU A 393 -35.53 -5.92 -8.16
CA GLU A 393 -35.39 -6.14 -9.59
C GLU A 393 -33.98 -5.82 -10.08
N ALA A 394 -33.78 -5.88 -11.39
CA ALA A 394 -32.48 -5.60 -11.98
C ALA A 394 -32.13 -4.12 -11.90
N THR A 395 -33.11 -3.27 -12.19
CA THR A 395 -32.90 -1.83 -12.18
C THR A 395 -32.99 -1.26 -10.76
N ASN A 396 -33.51 -2.05 -9.84
CA ASN A 396 -33.65 -1.63 -8.44
C ASN A 396 -32.29 -1.51 -7.75
N THR A 397 -31.60 -0.41 -8.02
CA THR A 397 -30.29 -0.17 -7.42
C THR A 397 -30.42 0.34 -5.99
N VAL A 398 -31.48 1.10 -5.74
CA VAL A 398 -31.72 1.71 -4.44
C VAL A 398 -31.79 0.68 -3.32
N THR A 399 -32.52 -0.40 -3.56
CA THR A 399 -32.69 -1.45 -2.57
C THR A 399 -31.36 -2.15 -2.27
N LYS A 400 -30.61 -2.45 -3.32
CA LYS A 400 -29.31 -3.09 -3.20
C LYS A 400 -28.37 -2.23 -2.36
N ILE A 401 -28.31 -0.95 -2.70
CA ILE A 401 -27.43 -0.01 -1.99
C ILE A 401 -27.85 0.15 -0.53
N ASN A 402 -29.16 0.27 -0.29
CA ASN A 402 -29.68 0.38 1.06
C ASN A 402 -29.33 -0.85 1.90
N LEU A 403 -29.43 -2.02 1.29
CA LEU A 403 -29.03 -3.26 1.96
C LEU A 403 -27.54 -3.27 2.25
N LEU A 404 -26.76 -2.75 1.31
CA LEU A 404 -25.31 -2.66 1.48
C LEU A 404 -24.93 -1.80 2.68
N ASN A 405 -25.46 -0.57 2.72
CA ASN A 405 -25.22 0.32 3.85
C ASN A 405 -25.77 -0.25 5.14
N LYS A 406 -26.84 -1.03 5.03
CA LYS A 406 -27.44 -1.68 6.18
C LYS A 406 -26.45 -2.67 6.81
N VAL A 407 -26.04 -3.65 6.02
CA VAL A 407 -25.11 -4.67 6.48
C VAL A 407 -23.79 -4.07 6.95
N LEU A 408 -23.25 -3.16 6.15
CA LEU A 408 -22.01 -2.47 6.51
C LEU A 408 -22.13 -1.76 7.84
N GLY A 409 -23.22 -1.02 8.02
CA GLY A 409 -23.47 -0.31 9.26
C GLY A 409 -23.58 -1.27 10.44
N ILE A 410 -24.20 -2.42 10.21
CA ILE A 410 -24.33 -3.44 11.24
C ILE A 410 -22.96 -3.97 11.68
N VAL A 411 -22.16 -4.38 10.71
CA VAL A 411 -20.80 -4.88 10.98
C VAL A 411 -19.97 -3.82 11.70
N VAL A 412 -20.14 -2.57 11.28
CA VAL A 412 -19.46 -1.45 11.93
C VAL A 412 -19.85 -1.35 13.40
N GLY A 413 -21.15 -1.38 13.66
CA GLY A 413 -21.65 -1.32 15.03
C GLY A 413 -21.11 -2.43 15.90
N VAL A 414 -21.12 -3.65 15.36
CA VAL A 414 -20.58 -4.81 16.07
C VAL A 414 -19.10 -4.60 16.35
N LEU A 415 -18.38 -4.02 15.39
CA LEU A 415 -16.96 -3.75 15.53
C LEU A 415 -16.70 -2.76 16.67
N LEU A 416 -17.48 -1.68 16.69
CA LEU A 416 -17.34 -0.66 17.73
C LEU A 416 -17.65 -1.22 19.11
N GLN A 417 -18.72 -2.01 19.21
CA GLN A 417 -19.10 -2.62 20.48
C GLN A 417 -18.02 -3.57 20.99
N ASP A 418 -17.55 -4.44 20.10
CA ASP A 418 -16.51 -5.40 20.43
C ASP A 418 -15.21 -4.71 20.84
N HIS A 419 -14.89 -3.61 20.15
CA HIS A 419 -13.70 -2.83 20.46
C HIS A 419 -13.82 -2.21 21.84
N ASP A 420 -15.01 -1.66 22.13
CA ASP A 420 -15.26 -0.99 23.39
C ASP A 420 -15.29 -1.95 24.58
N VAL A 421 -15.70 -3.19 24.33
CA VAL A 421 -15.84 -4.16 25.42
C VAL A 421 -14.58 -5.00 25.64
N ARG A 422 -13.87 -5.31 24.57
CA ARG A 422 -12.67 -6.14 24.66
C ARG A 422 -11.41 -5.29 24.89
N GLN A 423 -11.41 -4.09 24.30
CA GLN A 423 -10.25 -3.19 24.35
C GLN A 423 -8.98 -3.86 23.86
N SER A 424 -8.03 -4.09 24.77
CA SER A 424 -6.77 -4.72 24.41
C SER A 424 -6.95 -6.15 23.88
N GLU A 425 -8.10 -6.75 24.18
CA GLU A 425 -8.40 -8.11 23.75
C GLU A 425 -9.02 -8.12 22.35
N PHE A 426 -9.17 -6.94 21.76
CA PHE A 426 -9.79 -6.81 20.44
C PHE A 426 -8.88 -7.34 19.32
N GLN A 427 -9.48 -8.06 18.39
CA GLN A 427 -8.76 -8.56 17.22
C GLN A 427 -9.48 -8.19 15.93
N GLN A 428 -8.72 -8.00 14.86
CA GLN A 428 -9.25 -7.41 13.64
C GLN A 428 -9.58 -8.41 12.54
N LEU A 429 -9.04 -9.62 12.64
CA LEU A 429 -9.17 -10.64 11.60
C LEU A 429 -10.58 -10.84 11.02
N PRO A 430 -11.60 -11.05 11.87
CA PRO A 430 -12.94 -11.24 11.30
C PRO A 430 -13.44 -10.04 10.50
N TYR A 431 -13.40 -8.87 11.11
CA TYR A 431 -13.88 -7.65 10.46
C TYR A 431 -13.06 -7.33 9.22
N HIS A 432 -11.75 -7.49 9.32
CA HIS A 432 -10.83 -7.25 8.21
C HIS A 432 -11.22 -8.12 7.02
N ARG A 433 -11.27 -9.42 7.25
CA ARG A 433 -11.62 -10.36 6.19
C ARG A 433 -13.00 -10.08 5.60
N ILE A 434 -13.98 -9.84 6.46
CA ILE A 434 -15.33 -9.52 6.00
C ILE A 434 -15.32 -8.31 5.05
N PHE A 435 -14.72 -7.22 5.51
CA PHE A 435 -14.66 -5.99 4.71
C PHE A 435 -13.95 -6.17 3.37
N ILE A 436 -12.75 -6.72 3.40
CA ILE A 436 -11.98 -6.85 2.17
C ILE A 436 -12.58 -7.87 1.18
N MET A 437 -13.10 -8.97 1.71
CA MET A 437 -13.70 -10.00 0.85
C MET A 437 -15.02 -9.53 0.26
N LEU A 438 -15.79 -8.78 1.04
CA LEU A 438 -17.02 -8.20 0.52
C LEU A 438 -16.69 -7.16 -0.55
N LEU A 439 -15.60 -6.42 -0.32
CA LEU A 439 -15.12 -5.44 -1.29
C LEU A 439 -14.75 -6.11 -2.61
N LEU A 440 -14.00 -7.21 -2.52
CA LEU A 440 -13.61 -7.96 -3.71
C LEU A 440 -14.83 -8.56 -4.42
N GLU A 441 -15.78 -9.03 -3.63
CA GLU A 441 -17.01 -9.61 -4.17
C GLU A 441 -17.83 -8.57 -4.93
N LEU A 442 -17.87 -7.34 -4.41
CA LEU A 442 -18.68 -6.29 -5.01
C LEU A 442 -17.95 -5.56 -6.13
N ASN A 443 -16.67 -5.87 -6.32
CA ASN A 443 -15.90 -5.31 -7.43
C ASN A 443 -15.74 -6.32 -8.56
N ALA A 444 -16.60 -7.33 -8.58
CA ALA A 444 -16.58 -8.35 -9.61
C ALA A 444 -16.99 -7.77 -10.96
N PRO A 445 -16.41 -8.30 -12.05
CA PRO A 445 -16.71 -7.80 -13.40
C PRO A 445 -18.07 -8.23 -13.92
N GLU A 446 -19.14 -7.71 -13.34
CA GLU A 446 -20.50 -7.96 -13.85
C GLU A 446 -21.33 -6.68 -13.86
N HIS A 447 -22.27 -6.60 -14.80
CA HIS A 447 -23.02 -5.38 -15.07
C HIS A 447 -23.78 -4.81 -13.86
N VAL A 448 -24.45 -5.69 -13.11
CA VAL A 448 -25.23 -5.27 -11.95
C VAL A 448 -24.37 -4.55 -10.93
N LEU A 449 -23.18 -5.09 -10.68
CA LEU A 449 -22.24 -4.50 -9.74
C LEU A 449 -21.61 -3.24 -10.33
N GLU A 450 -21.57 -3.18 -11.67
CA GLU A 450 -20.97 -2.06 -12.36
C GLU A 450 -21.86 -0.83 -12.30
N THR A 451 -23.17 -1.04 -12.36
CA THR A 451 -24.13 0.06 -12.33
C THR A 451 -24.21 0.74 -10.97
N ILE A 452 -23.80 0.04 -9.92
CA ILE A 452 -23.87 0.57 -8.57
C ILE A 452 -22.49 0.72 -7.93
N ASN A 453 -21.46 0.61 -8.75
CA ASN A 453 -20.07 0.65 -8.27
C ASN A 453 -19.73 1.89 -7.46
N PHE A 454 -20.20 3.04 -7.92
CA PHE A 454 -19.89 4.31 -7.26
C PHE A 454 -20.50 4.38 -5.87
N GLN A 455 -21.76 3.95 -5.74
CA GLN A 455 -22.44 3.96 -4.45
C GLN A 455 -21.83 2.92 -3.52
N THR A 456 -21.28 1.85 -4.10
CA THR A 456 -20.58 0.82 -3.33
C THR A 456 -19.31 1.41 -2.73
N LEU A 457 -18.51 2.04 -3.58
CA LEU A 457 -17.28 2.70 -3.14
C LEU A 457 -17.59 3.77 -2.10
N THR A 458 -18.72 4.45 -2.28
CA THR A 458 -19.17 5.47 -1.34
C THR A 458 -19.47 4.85 0.02
N ALA A 459 -20.20 3.74 0.01
CA ALA A 459 -20.55 3.03 1.24
C ALA A 459 -19.29 2.56 1.97
N PHE A 460 -18.35 1.98 1.23
CA PHE A 460 -17.10 1.53 1.81
C PHE A 460 -16.27 2.69 2.36
N CYS A 461 -16.33 3.83 1.67
CA CYS A 461 -15.60 5.02 2.12
C CYS A 461 -16.17 5.56 3.43
N ASN A 462 -17.50 5.67 3.51
CA ASN A 462 -18.15 6.10 4.73
C ASN A 462 -17.84 5.15 5.87
N THR A 463 -17.88 3.86 5.56
CA THR A 463 -17.54 2.81 6.51
C THR A 463 -16.13 3.02 7.06
N PHE A 464 -15.18 3.24 6.16
CA PHE A 464 -13.78 3.42 6.55
C PHE A 464 -13.56 4.72 7.31
N HIS A 465 -14.41 5.71 7.06
CA HIS A 465 -14.32 6.98 7.77
C HIS A 465 -14.83 6.84 9.20
N ILE A 466 -15.93 6.13 9.37
CA ILE A 466 -16.47 5.87 10.70
C ILE A 466 -15.47 5.05 11.52
N LEU A 467 -14.75 4.18 10.85
CA LEU A 467 -13.73 3.35 11.50
C LEU A 467 -12.36 4.02 11.51
N ARG A 468 -12.34 5.32 11.78
CA ARG A 468 -11.09 6.07 11.89
C ARG A 468 -10.21 5.50 12.99
N PRO A 469 -8.88 5.56 12.80
CA PRO A 469 -7.93 5.08 13.80
C PRO A 469 -8.04 5.85 15.11
N THR A 470 -8.55 7.08 15.04
CA THR A 470 -8.79 7.88 16.23
C THR A 470 -10.07 7.42 16.91
N LYS A 471 -10.91 6.71 16.16
CA LYS A 471 -12.15 6.15 16.69
C LYS A 471 -11.98 4.67 17.03
N ALA A 472 -11.20 3.97 16.21
CA ALA A 472 -10.92 2.56 16.44
C ALA A 472 -9.43 2.27 16.28
N PRO A 473 -8.64 2.56 17.34
CA PRO A 473 -7.19 2.39 17.33
C PRO A 473 -6.75 0.97 17.03
N GLY A 474 -7.32 -0.02 17.72
CA GLY A 474 -6.93 -1.40 17.57
C GLY A 474 -7.16 -1.98 16.18
N PHE A 475 -7.84 -1.21 15.33
CA PHE A 475 -8.17 -1.66 13.98
C PHE A 475 -7.31 -0.91 12.95
N VAL A 476 -6.31 -0.18 13.43
CA VAL A 476 -5.53 0.70 12.55
C VAL A 476 -4.83 -0.02 11.38
N TYR A 477 -4.05 -1.05 11.68
CA TYR A 477 -3.27 -1.75 10.65
C TYR A 477 -4.14 -2.21 9.50
N ALA A 478 -5.11 -3.07 9.81
CA ALA A 478 -6.08 -3.54 8.83
C ALA A 478 -6.70 -2.36 8.08
N TRP A 479 -7.03 -1.29 8.82
CA TRP A 479 -7.66 -0.12 8.24
C TRP A 479 -6.78 0.43 7.12
N LEU A 480 -5.48 0.54 7.39
CA LEU A 480 -4.54 1.02 6.38
C LEU A 480 -4.56 0.07 5.19
N GLU A 481 -4.54 -1.23 5.48
CA GLU A 481 -4.57 -2.25 4.43
C GLU A 481 -5.88 -2.18 3.65
N LEU A 482 -6.91 -1.60 4.25
CA LEU A 482 -8.18 -1.45 3.56
C LEU A 482 -8.13 -0.27 2.60
N ILE A 483 -7.32 0.73 2.93
CA ILE A 483 -7.19 1.91 2.09
C ILE A 483 -6.18 1.69 0.97
N SER A 484 -5.02 1.18 1.35
CA SER A 484 -3.91 1.02 0.42
C SER A 484 -4.03 -0.25 -0.43
N HIS A 485 -5.15 -0.96 -0.29
CA HIS A 485 -5.35 -2.17 -1.08
C HIS A 485 -5.44 -1.81 -2.57
N ARG A 486 -4.84 -2.64 -3.41
CA ARG A 486 -4.68 -2.34 -4.82
C ARG A 486 -5.99 -2.09 -5.57
N ILE A 487 -6.99 -2.92 -5.33
CA ILE A 487 -8.26 -2.80 -6.06
C ILE A 487 -9.07 -1.59 -5.59
N PHE A 488 -8.90 -1.22 -4.32
CA PHE A 488 -9.59 -0.06 -3.78
C PHE A 488 -8.99 1.23 -4.36
N ILE A 489 -7.67 1.28 -4.39
CA ILE A 489 -6.97 2.41 -4.99
C ILE A 489 -7.32 2.52 -6.47
N ALA A 490 -7.34 1.36 -7.15
CA ALA A 490 -7.67 1.31 -8.57
C ALA A 490 -9.10 1.82 -8.83
N ARG A 491 -10.04 1.37 -8.03
CA ARG A 491 -11.43 1.77 -8.19
C ARG A 491 -11.67 3.24 -7.84
N MET A 492 -10.93 3.74 -6.86
CA MET A 492 -11.14 5.10 -6.36
C MET A 492 -10.45 6.18 -7.20
N LEU A 493 -9.20 5.92 -7.57
CA LEU A 493 -8.40 6.95 -8.22
C LEU A 493 -8.22 6.78 -9.73
N ALA A 494 -8.56 5.59 -10.24
CA ALA A 494 -8.35 5.30 -11.66
C ALA A 494 -9.65 5.04 -12.42
N HIS A 495 -10.36 4.00 -12.03
CA HIS A 495 -11.54 3.56 -12.77
C HIS A 495 -12.73 4.51 -12.65
N THR A 496 -12.83 5.21 -11.52
CA THR A 496 -13.91 6.16 -11.31
C THR A 496 -13.70 7.40 -12.20
N PRO A 497 -14.65 7.64 -13.11
CA PRO A 497 -14.56 8.74 -14.07
C PRO A 497 -14.76 10.12 -13.43
N GLN A 498 -14.28 11.16 -14.10
CA GLN A 498 -14.41 12.55 -13.65
C GLN A 498 -13.77 12.81 -12.29
N GLN A 499 -12.91 11.90 -11.85
CA GLN A 499 -12.17 12.05 -10.60
C GLN A 499 -13.09 12.31 -9.40
N LYS A 500 -14.26 11.69 -9.40
CA LYS A 500 -15.25 11.91 -8.35
C LYS A 500 -14.88 11.19 -7.05
N GLY A 501 -13.97 10.23 -7.16
CA GLY A 501 -13.54 9.47 -5.99
C GLY A 501 -12.44 10.15 -5.22
N TRP A 502 -11.76 11.09 -5.87
CA TRP A 502 -10.64 11.83 -5.26
C TRP A 502 -10.93 12.49 -3.90
N PRO A 503 -12.06 13.21 -3.77
CA PRO A 503 -12.32 13.86 -2.48
C PRO A 503 -12.41 12.89 -1.29
N MET A 504 -13.08 11.76 -1.49
CA MET A 504 -13.28 10.79 -0.42
C MET A 504 -11.96 10.16 0.02
N TYR A 505 -11.17 9.72 -0.95
CA TYR A 505 -9.88 9.12 -0.67
C TYR A 505 -8.96 10.13 0.01
N ALA A 506 -9.05 11.38 -0.46
CA ALA A 506 -8.31 12.47 0.15
C ALA A 506 -8.70 12.62 1.62
N GLN A 507 -9.99 12.50 1.90
CA GLN A 507 -10.49 12.60 3.27
C GLN A 507 -9.96 11.46 4.14
N LEU A 508 -9.92 10.26 3.57
CA LEU A 508 -9.37 9.11 4.29
C LEU A 508 -7.90 9.33 4.63
N LEU A 509 -7.14 9.81 3.65
CA LEU A 509 -5.73 10.13 3.86
C LEU A 509 -5.57 11.20 4.93
N ILE A 510 -6.48 12.17 4.95
CA ILE A 510 -6.48 13.21 5.96
C ILE A 510 -6.71 12.61 7.34
N ASP A 511 -7.59 11.61 7.41
CA ASP A 511 -7.84 10.90 8.67
C ASP A 511 -6.58 10.19 9.16
N LEU A 512 -5.93 9.47 8.25
CA LEU A 512 -4.67 8.79 8.56
C LEU A 512 -3.62 9.77 9.08
N PHE A 513 -3.45 10.88 8.36
CA PHE A 513 -2.49 11.90 8.75
C PHE A 513 -2.83 12.50 10.11
N LYS A 514 -4.12 12.68 10.37
CA LYS A 514 -4.58 13.20 11.66
C LYS A 514 -4.20 12.26 12.79
N TYR A 515 -4.38 10.96 12.56
CA TYR A 515 -3.99 9.98 13.57
C TYR A 515 -2.47 9.97 13.78
N LEU A 516 -1.72 10.05 12.69
CA LEU A 516 -0.26 9.97 12.77
C LEU A 516 0.39 11.21 13.38
N ALA A 517 -0.25 12.36 13.22
CA ALA A 517 0.32 13.65 13.59
C ALA A 517 0.91 13.78 15.01
N PRO A 518 0.11 13.43 16.05
CA PRO A 518 0.64 13.68 17.40
C PRO A 518 1.82 12.80 17.79
N PHE A 519 1.97 11.65 17.13
CA PHE A 519 3.06 10.73 17.44
C PHE A 519 4.30 11.06 16.62
N LEU A 520 4.10 11.62 15.43
CA LEU A 520 5.20 11.99 14.56
C LEU A 520 5.86 13.28 15.04
N ARG A 521 5.08 14.12 15.70
CA ARG A 521 5.59 15.37 16.25
C ARG A 521 6.57 15.09 17.39
N ASN A 522 6.32 14.02 18.12
CA ASN A 522 7.23 13.59 19.19
C ASN A 522 8.54 13.07 18.62
N VAL A 523 9.60 13.16 19.42
CA VAL A 523 10.93 12.74 19.00
C VAL A 523 11.02 11.22 18.89
N GLU A 524 10.78 10.54 20.00
CA GLU A 524 10.85 9.07 20.03
C GLU A 524 9.64 8.46 19.32
N LEU A 525 9.87 7.37 18.62
CA LEU A 525 8.81 6.69 17.88
C LEU A 525 8.86 5.19 18.13
N THR A 526 7.79 4.65 18.71
CA THR A 526 7.73 3.22 19.03
C THR A 526 7.64 2.37 17.78
N LYS A 527 8.06 1.10 17.90
CA LYS A 527 8.06 0.16 16.78
C LYS A 527 6.72 0.04 16.01
N PRO A 528 5.59 -0.05 16.73
CA PRO A 528 4.30 -0.05 16.01
C PRO A 528 4.15 1.20 15.14
N MET A 529 4.43 2.35 15.72
CA MET A 529 4.35 3.61 14.99
C MET A 529 5.36 3.65 13.85
N GLN A 530 6.50 3.00 14.04
CA GLN A 530 7.53 2.96 13.00
C GLN A 530 7.04 2.18 11.78
N ILE A 531 6.42 1.03 12.04
CA ILE A 531 5.89 0.19 10.98
C ILE A 531 4.73 0.87 10.25
N LEU A 532 3.84 1.45 11.03
CA LEU A 532 2.70 2.17 10.48
C LEU A 532 3.20 3.30 9.59
N TYR A 533 4.26 3.97 10.05
CA TYR A 533 4.86 5.07 9.31
C TYR A 533 5.51 4.59 8.01
N LYS A 534 6.20 3.46 8.07
CA LYS A 534 6.82 2.87 6.88
C LYS A 534 5.75 2.51 5.85
N GLY A 535 4.66 1.93 6.34
CA GLY A 535 3.53 1.60 5.49
C GLY A 535 2.96 2.82 4.82
N THR A 536 2.82 3.89 5.60
CA THR A 536 2.32 5.16 5.09
C THR A 536 3.25 5.70 4.00
N LEU A 537 4.55 5.53 4.22
CA LEU A 537 5.55 5.93 3.23
C LEU A 537 5.39 5.14 1.94
N ARG A 538 5.13 3.84 2.07
CA ARG A 538 4.96 3.00 0.89
C ARG A 538 3.71 3.38 0.08
N VAL A 539 2.57 3.49 0.76
CA VAL A 539 1.33 3.86 0.06
C VAL A 539 1.44 5.25 -0.55
N LEU A 540 2.05 6.19 0.17
CA LEU A 540 2.26 7.54 -0.37
C LEU A 540 3.20 7.54 -1.58
N LEU A 541 4.20 6.65 -1.55
CA LEU A 541 5.10 6.49 -2.69
C LEU A 541 4.34 5.98 -3.90
N VAL A 542 3.47 4.99 -3.67
CA VAL A 542 2.63 4.45 -4.73
C VAL A 542 1.76 5.54 -5.34
N LEU A 543 1.09 6.30 -4.48
CA LEU A 543 0.21 7.38 -4.92
C LEU A 543 0.99 8.46 -5.67
N LEU A 544 2.22 8.72 -5.24
CA LEU A 544 3.05 9.72 -5.88
C LEU A 544 3.49 9.27 -7.28
N HIS A 545 3.83 8.00 -7.40
CA HIS A 545 4.32 7.46 -8.67
C HIS A 545 3.19 7.25 -9.67
N ASP A 546 2.01 6.91 -9.18
CA ASP A 546 0.90 6.55 -10.05
C ASP A 546 -0.14 7.65 -10.24
N PHE A 547 -0.39 8.43 -9.19
CA PHE A 547 -1.37 9.50 -9.26
C PHE A 547 -0.82 10.81 -8.70
N PRO A 548 0.13 11.43 -9.41
CA PRO A 548 0.75 12.67 -8.93
C PRO A 548 -0.22 13.84 -8.91
N GLU A 549 -1.17 13.85 -9.84
CA GLU A 549 -2.17 14.91 -9.90
C GLU A 549 -3.06 14.92 -8.67
N PHE A 550 -3.28 13.74 -8.09
CA PHE A 550 -4.09 13.62 -6.89
C PHE A 550 -3.42 14.32 -5.70
N LEU A 551 -2.16 13.98 -5.46
CA LEU A 551 -1.41 14.60 -4.38
C LEU A 551 -1.18 16.09 -4.65
N CYS A 552 -1.11 16.44 -5.92
CA CYS A 552 -0.92 17.83 -6.32
C CYS A 552 -2.14 18.68 -6.00
N ASP A 553 -3.32 18.17 -6.33
CA ASP A 553 -4.56 18.92 -6.14
C ASP A 553 -4.97 19.04 -4.68
N TYR A 554 -4.50 18.13 -3.85
CA TYR A 554 -4.91 18.10 -2.44
C TYR A 554 -3.75 18.26 -1.47
N HIS A 555 -2.70 18.93 -1.91
CA HIS A 555 -1.50 19.08 -1.09
C HIS A 555 -1.75 19.95 0.15
N TYR A 556 -2.56 20.99 -0.02
CA TYR A 556 -2.75 21.98 1.05
C TYR A 556 -3.35 21.39 2.33
N GLY A 557 -4.35 20.54 2.19
CA GLY A 557 -4.96 19.90 3.35
C GLY A 557 -3.98 18.97 4.05
N PHE A 558 -3.27 18.19 3.26
CA PHE A 558 -2.28 17.25 3.77
C PHE A 558 -1.20 17.97 4.56
N CYS A 559 -0.72 19.08 4.02
CA CYS A 559 0.28 19.90 4.70
C CYS A 559 -0.33 20.58 5.91
N ASP A 560 -1.63 20.81 5.86
CA ASP A 560 -2.35 21.46 6.95
C ASP A 560 -2.54 20.48 8.10
N VAL A 561 -2.39 19.19 7.81
CA VAL A 561 -2.51 18.16 8.84
C VAL A 561 -1.15 17.62 9.29
N ILE A 562 -0.23 17.45 8.35
CA ILE A 562 1.10 16.92 8.66
C ILE A 562 1.96 17.91 9.44
N PRO A 563 2.58 17.43 10.54
CA PRO A 563 3.50 18.24 11.36
C PRO A 563 4.69 18.76 10.57
N PRO A 564 5.13 20.00 10.86
CA PRO A 564 6.20 20.70 10.15
C PRO A 564 7.56 20.01 10.22
N ASN A 565 7.76 19.16 11.22
CA ASN A 565 9.04 18.49 11.39
C ASN A 565 9.18 17.22 10.54
N CYS A 566 8.06 16.80 9.95
CA CYS A 566 8.06 15.64 9.07
C CYS A 566 8.43 16.05 7.65
N ILE A 567 9.71 15.91 7.31
CA ILE A 567 10.21 16.41 6.03
C ILE A 567 9.92 15.47 4.87
N GLN A 568 10.07 14.17 5.10
CA GLN A 568 9.89 13.17 4.05
C GLN A 568 8.48 13.16 3.45
N LEU A 569 7.46 13.17 4.32
CA LEU A 569 6.07 13.18 3.87
C LEU A 569 5.76 14.40 3.01
N ARG A 570 6.08 15.58 3.54
CA ARG A 570 5.86 16.82 2.83
C ARG A 570 6.67 16.87 1.54
N ASN A 571 7.78 16.15 1.51
CA ASN A 571 8.58 16.05 0.29
C ASN A 571 7.91 15.15 -0.74
N LEU A 572 7.19 14.15 -0.24
CA LEU A 572 6.45 13.24 -1.11
C LEU A 572 5.25 13.96 -1.71
N ILE A 573 4.69 14.89 -0.95
CA ILE A 573 3.49 15.60 -1.38
C ILE A 573 3.80 16.83 -2.23
N LEU A 574 4.88 17.53 -1.91
CA LEU A 574 5.26 18.75 -2.62
C LEU A 574 5.95 18.46 -3.95
N SER A 575 6.46 17.23 -4.09
CA SER A 575 7.12 16.83 -5.33
C SER A 575 6.10 16.40 -6.38
N ALA A 576 4.83 16.43 -6.01
CA ALA A 576 3.76 16.05 -6.93
C ALA A 576 3.47 17.16 -7.93
N PHE A 577 3.45 16.80 -9.21
CA PHE A 577 3.15 17.75 -10.28
C PHE A 577 2.61 16.99 -11.49
N PRO A 578 1.75 17.65 -12.29
CA PRO A 578 1.09 17.05 -13.47
C PRO A 578 2.03 16.28 -14.38
N ARG A 579 1.50 15.26 -15.05
CA ARG A 579 2.29 14.39 -15.89
C ARG A 579 2.78 15.09 -17.15
N ASN A 580 1.91 15.90 -17.76
CA ASN A 580 2.21 16.56 -19.01
C ASN A 580 3.30 17.63 -18.91
N MET A 581 3.62 18.03 -17.69
CA MET A 581 4.63 19.07 -17.47
C MET A 581 6.04 18.49 -17.40
N ARG A 582 6.95 19.13 -18.14
CA ARG A 582 8.36 18.76 -18.10
C ARG A 582 9.17 19.85 -17.42
N LEU A 583 9.67 19.55 -16.22
CA LEU A 583 10.39 20.53 -15.42
C LEU A 583 11.75 20.88 -16.03
N PRO A 584 12.09 22.17 -16.05
CA PRO A 584 13.40 22.62 -16.55
C PRO A 584 14.52 22.18 -15.63
N ASP A 585 15.74 22.07 -16.16
CA ASP A 585 16.90 21.62 -15.40
C ASP A 585 17.25 22.60 -14.29
N PRO A 586 17.15 22.15 -13.02
CA PRO A 586 17.48 22.99 -11.87
C PRO A 586 18.98 23.09 -11.65
N PHE A 587 19.73 22.17 -12.24
CA PHE A 587 21.18 22.14 -12.10
C PHE A 587 21.84 23.33 -12.79
N THR A 588 21.48 23.54 -14.05
CA THR A 588 22.03 24.66 -14.82
C THR A 588 20.93 25.52 -15.42
N PRO A 589 20.33 26.40 -14.60
CA PRO A 589 19.26 27.29 -15.06
C PRO A 589 19.83 28.47 -15.86
N ASN A 590 19.19 28.79 -16.99
CA ASN A 590 19.59 29.95 -17.78
C ASN A 590 18.82 31.19 -17.34
N LEU A 591 17.50 31.07 -17.30
CA LEU A 591 16.62 32.15 -16.86
C LEU A 591 15.24 31.62 -16.52
N LYS A 592 14.30 32.54 -16.29
CA LYS A 592 12.92 32.16 -16.02
C LYS A 592 12.09 32.24 -17.29
N VAL A 593 12.78 32.19 -18.43
CA VAL A 593 12.12 32.30 -19.73
C VAL A 593 11.66 30.96 -20.26
N ASP A 594 12.18 29.88 -19.70
CA ASP A 594 11.81 28.53 -20.11
C ASP A 594 10.45 28.15 -19.56
N MET A 595 10.12 28.71 -18.39
CA MET A 595 8.87 28.39 -17.70
C MET A 595 7.93 29.59 -17.71
N LEU A 596 8.28 30.62 -18.47
CA LEU A 596 7.53 31.86 -18.51
C LEU A 596 6.06 31.67 -18.89
N SER A 597 5.78 30.61 -19.63
CA SER A 597 4.42 30.32 -20.05
C SER A 597 3.63 29.62 -18.94
N GLU A 598 4.34 29.12 -17.94
CA GLU A 598 3.71 28.38 -16.85
C GLU A 598 3.68 29.20 -15.57
N ILE A 599 4.47 30.28 -15.53
CA ILE A 599 4.51 31.16 -14.38
C ILE A 599 3.18 31.89 -14.21
N ASN A 600 2.58 32.30 -15.31
CA ASN A 600 1.30 32.99 -15.28
C ASN A 600 0.13 32.06 -14.98
N ILE A 601 0.41 30.75 -14.95
CA ILE A 601 -0.61 29.76 -14.65
C ILE A 601 -0.77 29.54 -13.16
N ALA A 602 -1.96 29.78 -12.65
CA ALA A 602 -2.24 29.63 -11.23
C ALA A 602 -2.57 28.19 -10.85
N PRO A 603 -1.97 27.70 -9.76
CA PRO A 603 -2.25 26.34 -9.25
C PRO A 603 -3.70 26.19 -8.81
N ARG A 604 -4.09 24.96 -8.50
CA ARG A 604 -5.45 24.67 -8.08
C ARG A 604 -5.50 24.25 -6.62
N ILE A 605 -6.34 24.92 -5.84
CA ILE A 605 -6.48 24.61 -4.42
C ILE A 605 -7.89 24.12 -4.12
N LEU A 606 -8.02 22.80 -3.92
CA LEU A 606 -9.32 22.19 -3.68
C LEU A 606 -9.66 22.15 -2.19
N THR A 607 -9.06 23.06 -1.43
CA THR A 607 -9.30 23.14 0.00
C THR A 607 -9.67 24.57 0.41
N ASN A 608 -10.87 24.76 0.91
CA ASN A 608 -11.33 26.06 1.35
C ASN A 608 -10.55 26.56 2.56
N PHE A 609 -9.51 27.36 2.31
CA PHE A 609 -8.65 27.86 3.38
C PHE A 609 -9.16 29.17 3.96
N THR A 610 -9.92 29.91 3.18
CA THR A 610 -10.46 31.20 3.62
C THR A 610 -11.49 31.02 4.73
N GLY A 611 -12.11 29.84 4.77
CA GLY A 611 -13.12 29.55 5.77
C GLY A 611 -12.55 29.33 7.15
N VAL A 612 -11.27 28.97 7.22
CA VAL A 612 -10.58 28.73 8.48
C VAL A 612 -10.54 30.00 9.31
N MET A 613 -10.36 31.14 8.64
CA MET A 613 -10.25 32.42 9.32
C MET A 613 -11.59 32.89 9.86
N PRO A 614 -11.59 33.43 11.10
CA PRO A 614 -12.78 34.04 11.69
C PRO A 614 -13.26 35.23 10.86
N PRO A 615 -14.58 35.40 10.73
CA PRO A 615 -15.20 36.44 9.90
C PRO A 615 -14.65 37.85 10.17
N GLN A 616 -14.54 38.21 11.45
CA GLN A 616 -14.03 39.53 11.82
C GLN A 616 -12.56 39.68 11.42
N PHE A 617 -11.77 38.64 11.68
CA PHE A 617 -10.35 38.65 11.36
C PHE A 617 -10.13 38.80 9.85
N LYS A 618 -10.92 38.07 9.07
CA LYS A 618 -10.84 38.16 7.62
C LYS A 618 -11.29 39.54 7.13
N LYS A 619 -12.31 40.09 7.79
CA LYS A 619 -12.80 41.42 7.47
C LYS A 619 -11.71 42.46 7.64
N ASP A 620 -11.09 42.46 8.82
CA ASP A 620 -10.00 43.39 9.11
C ASP A 620 -8.82 43.16 8.17
N LEU A 621 -8.59 41.89 7.82
CA LEU A 621 -7.50 41.52 6.92
C LEU A 621 -7.69 42.14 5.55
N ASP A 622 -8.87 41.96 4.97
CA ASP A 622 -9.18 42.53 3.67
C ASP A 622 -9.18 44.06 3.72
N SER A 623 -9.67 44.60 4.83
CA SER A 623 -9.70 46.05 5.03
C SER A 623 -8.29 46.62 4.99
N TYR A 624 -7.36 45.97 5.67
CA TYR A 624 -5.97 46.41 5.66
C TYR A 624 -5.30 46.16 4.31
N LEU A 625 -5.70 45.09 3.64
CA LEU A 625 -5.14 44.77 2.34
C LEU A 625 -5.66 45.73 1.27
N LYS A 626 -6.71 46.47 1.61
CA LYS A 626 -7.29 47.43 0.68
C LYS A 626 -6.84 48.86 0.98
N THR A 627 -6.77 49.22 2.26
CA THR A 627 -6.48 50.60 2.64
C THR A 627 -5.12 50.79 3.29
N ARG A 628 -4.48 49.70 3.68
CA ARG A 628 -3.18 49.73 4.35
C ARG A 628 -3.23 50.57 5.63
N SER A 629 -4.30 50.39 6.40
CA SER A 629 -4.52 51.16 7.62
C SER A 629 -5.49 50.42 8.54
N PRO A 630 -5.22 50.44 9.86
CA PRO A 630 -4.07 51.09 10.48
C PRO A 630 -2.85 50.17 10.50
N VAL A 631 -1.76 50.64 11.10
CA VAL A 631 -0.54 49.85 11.19
C VAL A 631 -0.57 48.96 12.43
N THR A 632 -1.51 49.25 13.34
CA THR A 632 -1.68 48.46 14.55
C THR A 632 -2.24 47.08 14.23
N PHE A 633 -2.82 46.97 13.04
CA PHE A 633 -3.40 45.71 12.58
C PHE A 633 -2.36 44.59 12.53
N LEU A 634 -1.09 44.96 12.36
CA LEU A 634 -0.01 43.98 12.35
C LEU A 634 0.14 43.32 13.73
N SER A 635 0.26 44.14 14.75
CA SER A 635 0.38 43.66 16.12
C SER A 635 -0.87 42.90 16.55
N ASP A 636 -2.03 43.43 16.20
CA ASP A 636 -3.30 42.76 16.51
C ASP A 636 -3.38 41.40 15.81
N LEU A 637 -2.82 41.33 14.61
CA LEU A 637 -2.78 40.10 13.84
C LEU A 637 -1.87 39.08 14.50
N ARG A 638 -0.71 39.53 14.97
CA ARG A 638 0.22 38.66 15.67
C ARG A 638 -0.40 38.14 16.97
N SER A 639 -1.23 38.97 17.59
CA SER A 639 -1.94 38.55 18.79
C SER A 639 -3.06 37.57 18.42
N ASN A 640 -3.56 37.67 17.20
CA ASN A 640 -4.68 36.86 16.75
C ASN A 640 -4.30 35.47 16.23
N LEU A 641 -3.02 35.24 15.97
CA LEU A 641 -2.60 33.95 15.43
C LEU A 641 -1.85 33.08 16.45
N GLN A 642 -1.83 33.51 17.70
CA GLN A 642 -1.26 32.69 18.77
C GLN A 642 -2.27 32.46 19.90
N VAL A 643 -3.44 31.95 19.54
CA VAL A 643 -4.49 31.69 20.50
C VAL A 643 -4.07 30.67 21.56
N SER A 644 -3.67 31.19 22.73
CA SER A 644 -3.24 30.33 23.83
C SER A 644 -4.38 30.03 24.79
N ASN A 645 -5.11 28.96 24.52
CA ASN A 645 -6.21 28.53 25.38
C ASN A 645 -6.12 27.05 25.67
N GLU A 646 -5.24 26.37 24.95
CA GLU A 646 -5.03 24.93 25.13
C GLU A 646 -3.55 24.62 25.34
N PRO A 647 -3.24 23.64 26.20
CA PRO A 647 -1.85 23.27 26.49
C PRO A 647 -1.19 22.56 25.31
N GLY A 648 0.14 22.63 25.24
CA GLY A 648 0.88 21.97 24.19
C GLY A 648 1.06 22.84 22.96
N ASN A 649 -0.05 23.26 22.36
CA ASN A 649 -0.01 24.08 21.15
C ASN A 649 -0.06 25.57 21.45
N ARG A 650 0.89 26.32 20.89
CA ARG A 650 1.00 27.75 21.16
C ARG A 650 0.58 28.60 19.96
N TYR A 651 0.53 27.99 18.79
CA TYR A 651 0.17 28.70 17.57
C TYR A 651 -0.87 27.94 16.74
N ASN A 652 -1.87 28.65 16.26
CA ASN A 652 -2.85 28.09 15.34
C ASN A 652 -2.20 27.91 13.96
N LEU A 653 -1.60 26.75 13.75
CA LEU A 653 -0.87 26.46 12.52
C LEU A 653 -1.71 26.63 11.26
N GLN A 654 -2.94 26.13 11.31
CA GLN A 654 -3.85 26.20 10.16
C GLN A 654 -4.19 27.66 9.81
N LEU A 655 -4.34 28.48 10.83
CA LEU A 655 -4.63 29.90 10.63
C LEU A 655 -3.43 30.61 10.02
N ILE A 656 -2.23 30.17 10.41
CA ILE A 656 -1.00 30.72 9.86
C ILE A 656 -0.89 30.38 8.37
N ASN A 657 -1.05 29.10 8.05
CA ASN A 657 -1.00 28.65 6.66
C ASN A 657 -2.05 29.36 5.80
N ALA A 658 -3.26 29.47 6.35
CA ALA A 658 -4.35 30.16 5.67
C ALA A 658 -3.99 31.61 5.42
N LEU A 659 -3.40 32.25 6.41
CA LEU A 659 -3.00 33.65 6.30
C LEU A 659 -1.96 33.83 5.20
N VAL A 660 -0.91 33.02 5.24
CA VAL A 660 0.15 33.08 4.24
C VAL A 660 -0.37 32.88 2.83
N LEU A 661 -1.13 31.80 2.63
CA LEU A 661 -1.66 31.47 1.31
C LEU A 661 -2.61 32.53 0.78
N TYR A 662 -3.55 32.96 1.63
CA TYR A 662 -4.53 33.97 1.25
C TYR A 662 -3.87 35.30 0.89
N VAL A 663 -3.01 35.78 1.78
CA VAL A 663 -2.30 37.04 1.53
C VAL A 663 -1.47 36.96 0.26
N GLY A 664 -0.79 35.84 0.06
CA GLY A 664 0.01 35.63 -1.13
C GLY A 664 -0.81 35.70 -2.41
N THR A 665 -1.87 34.90 -2.47
CA THR A 665 -2.75 34.86 -3.63
C THR A 665 -3.36 36.23 -3.92
N GLN A 666 -3.82 36.90 -2.86
CA GLN A 666 -4.37 38.24 -2.96
C GLN A 666 -3.33 39.22 -3.53
N ALA A 667 -2.09 39.06 -3.11
CA ALA A 667 -1.00 39.91 -3.58
C ALA A 667 -0.75 39.69 -5.06
N ILE A 668 -0.73 38.43 -5.48
CA ILE A 668 -0.56 38.10 -6.89
C ILE A 668 -1.67 38.71 -7.72
N ALA A 669 -2.91 38.57 -7.24
CA ALA A 669 -4.07 39.13 -7.92
C ALA A 669 -3.98 40.65 -8.04
N HIS A 670 -3.50 41.29 -6.98
CA HIS A 670 -3.37 42.74 -6.96
C HIS A 670 -2.31 43.21 -7.94
N ILE A 671 -1.18 42.51 -7.96
CA ILE A 671 -0.10 42.83 -8.88
C ILE A 671 -0.55 42.67 -10.33
N HIS A 672 -1.23 41.57 -10.62
CA HIS A 672 -1.75 41.32 -11.97
C HIS A 672 -2.77 42.37 -12.38
N ASN A 673 -3.66 42.71 -11.46
CA ASN A 673 -4.69 43.72 -11.73
C ASN A 673 -4.10 45.12 -11.87
N LYS A 674 -2.92 45.32 -11.31
CA LYS A 674 -2.22 46.59 -11.42
C LYS A 674 -1.76 46.82 -12.86
N GLY A 675 -1.26 45.77 -13.49
CA GLY A 675 -0.83 45.84 -14.88
C GLY A 675 0.52 45.21 -15.11
N SER A 676 1.08 44.57 -14.09
CA SER A 676 2.38 43.95 -14.20
C SER A 676 2.41 42.56 -13.55
N THR A 677 3.54 41.87 -13.70
CA THR A 677 3.71 40.54 -13.14
C THR A 677 4.57 40.60 -11.88
N PRO A 678 4.30 39.73 -10.90
CA PRO A 678 5.06 39.73 -9.63
C PRO A 678 6.54 39.42 -9.82
N SER A 679 7.37 40.41 -9.55
CA SER A 679 8.82 40.25 -9.65
C SER A 679 9.47 40.55 -8.31
N MET A 680 10.79 40.67 -8.32
CA MET A 680 11.53 41.00 -7.11
C MET A 680 11.24 42.41 -6.63
N SER A 681 10.80 43.27 -7.55
CA SER A 681 10.56 44.67 -7.25
C SER A 681 9.08 45.02 -7.24
N THR A 682 8.25 44.07 -7.68
CA THR A 682 6.82 44.32 -7.81
C THR A 682 6.05 43.85 -6.58
N ILE A 683 6.64 42.92 -5.84
CA ILE A 683 6.00 42.37 -4.65
C ILE A 683 6.29 43.21 -3.41
N THR A 684 7.14 44.22 -3.57
CA THR A 684 7.60 45.02 -2.45
C THR A 684 6.73 46.26 -2.23
N HIS A 685 6.83 46.83 -1.04
CA HIS A 685 6.17 48.09 -0.69
C HIS A 685 4.66 48.02 -0.86
N SER A 686 4.05 46.99 -0.29
CA SER A 686 2.61 46.81 -0.35
C SER A 686 2.07 46.37 1.00
N ALA A 687 0.76 46.45 1.17
CA ALA A 687 0.11 46.01 2.41
C ALA A 687 0.30 44.52 2.61
N HIS A 688 0.37 43.79 1.50
CA HIS A 688 0.57 42.35 1.55
C HIS A 688 1.96 42.01 2.08
N MET A 689 2.96 42.78 1.68
CA MET A 689 4.33 42.53 2.08
C MET A 689 4.57 42.95 3.54
N ASP A 690 3.82 43.96 3.99
CA ASP A 690 3.94 44.45 5.35
C ASP A 690 3.65 43.34 6.36
N ILE A 691 2.68 42.49 6.02
CA ILE A 691 2.32 41.37 6.87
C ILE A 691 3.47 40.37 6.98
N PHE A 692 4.06 40.02 5.84
CA PHE A 692 5.17 39.09 5.79
C PHE A 692 6.37 39.62 6.58
N GLN A 693 6.71 40.88 6.36
CA GLN A 693 7.82 41.52 7.06
C GLN A 693 7.58 41.55 8.57
N ASN A 694 6.40 42.01 8.96
CA ASN A 694 6.04 42.08 10.37
C ASN A 694 6.08 40.73 11.05
N LEU A 695 5.53 39.72 10.41
CA LEU A 695 5.55 38.36 10.94
C LEU A 695 6.97 37.81 10.98
N ALA A 696 7.83 38.30 10.10
CA ALA A 696 9.21 37.86 10.05
C ALA A 696 10.04 38.44 11.19
N VAL A 697 9.81 39.72 11.49
CA VAL A 697 10.63 40.42 12.48
C VAL A 697 10.03 40.48 13.87
N ASP A 698 8.71 40.37 13.97
CA ASP A 698 8.03 40.59 15.24
C ASP A 698 7.42 39.30 15.82
N LEU A 699 7.95 38.15 15.42
CA LEU A 699 7.54 36.88 16.00
C LEU A 699 8.74 36.19 16.64
N ASP A 700 8.47 35.24 17.54
CA ASP A 700 9.53 34.47 18.15
C ASP A 700 9.98 33.36 17.21
N THR A 701 10.95 32.56 17.65
CA THR A 701 11.54 31.52 16.81
C THR A 701 10.52 30.49 16.31
N GLU A 702 9.61 30.09 17.20
CA GLU A 702 8.60 29.10 16.85
C GLU A 702 7.64 29.65 15.79
N GLY A 703 7.12 30.84 16.05
CA GLY A 703 6.19 31.50 15.15
C GLY A 703 6.76 31.68 13.75
N ARG A 704 7.99 32.17 13.69
CA ARG A 704 8.66 32.37 12.40
C ARG A 704 9.04 31.04 11.76
N TYR A 705 9.21 30.00 12.58
CA TYR A 705 9.47 28.67 12.06
C TYR A 705 8.25 28.18 11.29
N LEU A 706 7.09 28.25 11.95
CA LEU A 706 5.84 27.82 11.32
C LEU A 706 5.51 28.70 10.11
N PHE A 707 5.86 29.98 10.21
CA PHE A 707 5.62 30.95 9.13
C PHE A 707 6.45 30.60 7.89
N LEU A 708 7.75 30.44 8.10
CA LEU A 708 8.67 30.11 7.00
C LEU A 708 8.36 28.74 6.42
N ASN A 709 7.88 27.81 7.25
CA ASN A 709 7.42 26.53 6.74
C ASN A 709 6.20 26.71 5.86
N ALA A 710 5.27 27.57 6.30
CA ALA A 710 4.07 27.88 5.54
C ALA A 710 4.42 28.48 4.19
N ILE A 711 5.50 29.27 4.14
CA ILE A 711 5.95 29.83 2.87
C ILE A 711 6.61 28.77 1.99
N ALA A 712 7.47 27.96 2.59
CA ALA A 712 8.23 26.95 1.86
C ALA A 712 7.34 25.83 1.32
N ASN A 713 6.15 25.69 1.90
CA ASN A 713 5.20 24.67 1.44
C ASN A 713 4.63 24.97 0.06
N GLN A 714 4.87 26.18 -0.45
CA GLN A 714 4.35 26.58 -1.74
C GLN A 714 5.41 26.51 -2.84
N LEU A 715 6.64 26.23 -2.43
CA LEU A 715 7.75 26.10 -3.37
C LEU A 715 7.74 24.73 -4.03
N ARG A 716 6.99 24.61 -5.13
CA ARG A 716 6.82 23.33 -5.80
C ARG A 716 7.18 23.41 -7.28
N TYR A 717 6.27 22.92 -8.12
CA TYR A 717 6.47 22.94 -9.57
C TYR A 717 6.20 24.35 -10.11
N PRO A 718 6.85 24.72 -11.22
CA PRO A 718 6.70 26.03 -11.87
C PRO A 718 5.26 26.52 -12.00
N ASN A 719 4.95 27.60 -11.28
CA ASN A 719 3.65 28.24 -11.32
C ASN A 719 3.72 29.63 -10.70
N SER A 720 2.57 30.26 -10.52
CA SER A 720 2.53 31.61 -9.94
C SER A 720 2.90 31.59 -8.47
N HIS A 721 2.35 30.61 -7.75
CA HIS A 721 2.56 30.51 -6.31
C HIS A 721 4.02 30.28 -5.94
N THR A 722 4.64 29.27 -6.56
CA THR A 722 6.02 28.94 -6.24
C THR A 722 6.97 30.10 -6.56
N HIS A 723 6.66 30.84 -7.62
CA HIS A 723 7.48 31.97 -8.03
C HIS A 723 7.33 33.12 -7.04
N TYR A 724 6.09 33.49 -6.76
CA TYR A 724 5.81 34.57 -5.83
C TYR A 724 6.40 34.31 -4.45
N PHE A 725 6.25 33.08 -3.98
CA PHE A 725 6.75 32.73 -2.66
C PHE A 725 8.26 32.50 -2.63
N SER A 726 8.84 32.19 -3.79
CA SER A 726 10.30 32.12 -3.89
C SER A 726 10.86 33.52 -3.76
N CYS A 727 10.32 34.44 -4.54
CA CYS A 727 10.72 35.85 -4.48
C CYS A 727 10.47 36.41 -3.08
N THR A 728 9.38 35.98 -2.46
CA THR A 728 9.05 36.42 -1.11
C THR A 728 10.07 35.93 -0.10
N MET A 729 10.43 34.64 -0.18
CA MET A 729 11.41 34.06 0.71
C MET A 729 12.76 34.76 0.57
N LEU A 730 13.23 34.87 -0.67
CA LEU A 730 14.52 35.50 -0.96
C LEU A 730 14.56 36.96 -0.51
N TYR A 731 13.46 37.68 -0.74
CA TYR A 731 13.37 39.08 -0.34
C TYR A 731 13.37 39.21 1.18
N LEU A 732 12.72 38.26 1.85
CA LEU A 732 12.71 38.24 3.30
C LEU A 732 14.11 38.00 3.84
N PHE A 733 14.87 37.17 3.13
CA PHE A 733 16.26 36.93 3.50
C PHE A 733 17.10 38.19 3.31
N ALA A 734 16.91 38.85 2.17
CA ALA A 734 17.70 40.03 1.82
C ALA A 734 17.47 41.19 2.78
N GLU A 735 16.24 41.70 2.81
CA GLU A 735 15.91 42.84 3.65
C GLU A 735 15.53 42.40 5.06
N ALA A 736 16.37 41.55 5.66
CA ALA A 736 16.11 41.06 7.00
C ALA A 736 16.76 41.97 8.04
N ASN A 737 16.03 42.24 9.11
CA ASN A 737 16.51 43.11 10.19
C ASN A 737 17.69 42.47 10.93
N THR A 738 17.44 41.32 11.55
CA THR A 738 18.48 40.61 12.27
C THR A 738 19.01 39.45 11.43
N GLU A 739 20.10 38.85 11.91
CA GLU A 739 20.72 37.72 11.21
C GLU A 739 20.01 36.42 11.57
N ALA A 740 19.23 36.48 12.65
CA ALA A 740 18.49 35.31 13.14
C ALA A 740 17.45 34.85 12.13
N ILE A 741 16.72 35.81 11.54
CA ILE A 741 15.71 35.50 10.54
C ILE A 741 16.32 34.78 9.35
N GLN A 742 17.44 35.30 8.87
CA GLN A 742 18.18 34.69 7.78
C GLN A 742 18.60 33.28 8.16
N GLU A 743 19.08 33.12 9.39
CA GLU A 743 19.46 31.81 9.91
C GLU A 743 18.28 30.85 9.87
N GLN A 744 17.09 31.35 10.15
CA GLN A 744 15.88 30.52 10.14
C GLN A 744 15.50 30.10 8.73
N ILE A 745 15.54 31.05 7.81
CA ILE A 745 15.22 30.78 6.40
C ILE A 745 16.16 29.73 5.84
N THR A 746 17.46 29.94 6.04
CA THR A 746 18.47 28.99 5.61
C THR A 746 18.26 27.64 6.28
N ARG A 747 17.86 27.68 7.55
CA ARG A 747 17.55 26.46 8.30
C ARG A 747 16.46 25.65 7.61
N VAL A 748 15.37 26.30 7.27
CA VAL A 748 14.26 25.64 6.59
C VAL A 748 14.66 25.10 5.22
N LEU A 749 15.15 25.99 4.36
CA LEU A 749 15.52 25.62 2.99
C LEU A 749 16.56 24.50 2.94
N LEU A 750 17.48 24.50 3.90
CA LEU A 750 18.48 23.45 3.96
C LEU A 750 17.88 22.15 4.49
N GLU A 751 17.11 22.26 5.56
CA GLU A 751 16.46 21.10 6.19
C GLU A 751 15.62 20.32 5.19
N ARG A 752 14.92 21.03 4.31
CA ARG A 752 14.10 20.38 3.31
C ARG A 752 14.92 19.83 2.14
N LEU A 753 16.25 19.88 2.25
CA LEU A 753 17.12 19.42 1.18
C LEU A 753 18.20 18.45 1.66
N ILE A 754 18.39 18.37 2.98
CA ILE A 754 19.36 17.46 3.55
C ILE A 754 18.84 16.02 3.49
N VAL A 755 17.52 15.89 3.61
CA VAL A 755 16.87 14.58 3.56
C VAL A 755 17.05 13.92 2.20
N ASN A 756 16.70 12.63 2.12
CA ASN A 756 16.76 11.90 0.87
C ASN A 756 15.70 12.39 -0.11
N ARG A 757 15.80 11.92 -1.35
CA ARG A 757 14.80 12.25 -2.37
C ARG A 757 13.41 11.79 -1.94
N PRO A 758 12.35 12.42 -2.48
CA PRO A 758 12.34 13.48 -3.48
C PRO A 758 12.50 14.88 -2.90
N HIS A 759 12.87 15.83 -3.75
CA HIS A 759 13.00 17.22 -3.35
C HIS A 759 12.20 18.13 -4.28
N PRO A 760 11.32 18.97 -3.71
CA PRO A 760 10.50 19.91 -4.47
C PRO A 760 11.34 20.82 -5.35
N TRP A 761 10.84 21.11 -6.55
CA TRP A 761 11.59 21.90 -7.53
C TRP A 761 11.80 23.34 -7.09
N GLY A 762 10.71 24.04 -6.81
CA GLY A 762 10.76 25.45 -6.41
C GLY A 762 11.60 25.67 -5.17
N LEU A 763 11.58 24.68 -4.27
CA LEU A 763 12.40 24.72 -3.07
C LEU A 763 13.88 24.74 -3.43
N LEU A 764 14.27 23.77 -4.25
CA LEU A 764 15.67 23.65 -4.68
C LEU A 764 16.12 24.90 -5.43
N ILE A 765 15.25 25.44 -6.27
CA ILE A 765 15.55 26.66 -7.00
C ILE A 765 15.76 27.84 -6.06
N THR A 766 14.83 28.01 -5.13
CA THR A 766 14.89 29.10 -4.16
C THR A 766 16.17 29.01 -3.34
N PHE A 767 16.56 27.80 -2.96
CA PHE A 767 17.79 27.62 -2.20
C PHE A 767 19.02 27.91 -3.05
N ILE A 768 18.96 27.52 -4.32
CA ILE A 768 20.06 27.77 -5.27
C ILE A 768 20.28 29.27 -5.44
N GLU A 769 19.19 30.04 -5.47
CA GLU A 769 19.28 31.49 -5.60
C GLU A 769 20.03 32.14 -4.44
N LEU A 770 19.98 31.54 -3.26
CA LEU A 770 20.68 32.05 -2.10
C LEU A 770 22.19 31.88 -2.23
N ILE A 771 22.60 30.86 -2.98
CA ILE A 771 24.01 30.54 -3.11
C ILE A 771 24.65 31.21 -4.33
N LYS A 772 23.99 31.08 -5.47
CA LYS A 772 24.50 31.60 -6.73
C LYS A 772 24.59 33.12 -6.74
N ASN A 773 23.46 33.78 -6.53
CA ASN A 773 23.39 35.24 -6.57
C ASN A 773 24.13 35.89 -5.40
N PRO A 774 25.18 36.67 -5.72
CA PRO A 774 25.99 37.35 -4.71
C PRO A 774 25.29 38.55 -4.08
N ALA A 775 24.05 38.82 -4.49
CA ALA A 775 23.30 39.96 -3.99
C ALA A 775 22.69 39.69 -2.63
N PHE A 776 23.06 38.58 -2.02
CA PHE A 776 22.53 38.21 -0.70
C PHE A 776 23.64 38.16 0.34
N LYS A 777 24.89 38.03 -0.13
CA LYS A 777 26.05 37.91 0.74
C LYS A 777 25.88 36.75 1.74
N PHE A 778 25.48 35.60 1.21
CA PHE A 778 25.17 34.43 2.02
C PHE A 778 26.35 33.95 2.86
N TRP A 779 27.53 33.87 2.22
CA TRP A 779 28.71 33.31 2.87
C TRP A 779 29.32 34.23 3.92
N ASN A 780 28.90 35.50 3.90
CA ASN A 780 29.42 36.49 4.84
C ASN A 780 28.79 36.36 6.22
N HIS A 781 27.73 35.57 6.31
CA HIS A 781 26.99 35.41 7.56
C HIS A 781 27.67 34.46 8.54
N GLU A 782 27.30 34.56 9.81
CA GLU A 782 27.96 33.83 10.88
C GLU A 782 27.48 32.38 10.99
N PHE A 783 26.18 32.17 10.79
CA PHE A 783 25.59 30.84 10.93
C PHE A 783 26.16 29.84 9.92
N VAL A 784 26.69 30.37 8.82
CA VAL A 784 27.36 29.53 7.83
C VAL A 784 28.69 29.03 8.39
N HIS A 785 29.31 29.86 9.22
CA HIS A 785 30.60 29.55 9.82
C HIS A 785 30.44 29.19 11.29
N CYS A 786 29.30 28.60 11.63
CA CYS A 786 28.99 28.27 13.02
C CYS A 786 29.67 26.98 13.47
N ALA A 787 29.30 25.86 12.83
CA ALA A 787 29.86 24.56 13.16
C ALA A 787 30.69 24.03 12.00
N PRO A 788 31.73 23.23 12.31
CA PRO A 788 32.59 22.66 11.28
C PRO A 788 31.82 21.73 10.34
N GLU A 789 30.86 20.99 10.88
CA GLU A 789 30.04 20.10 10.07
C GLU A 789 29.19 20.90 9.09
N ILE A 790 28.67 22.02 9.55
CA ILE A 790 27.85 22.90 8.72
C ILE A 790 28.67 23.54 7.63
N GLU A 791 29.85 24.07 8.00
CA GLU A 791 30.74 24.71 7.04
C GLU A 791 31.22 23.71 5.98
N LYS A 792 31.49 22.48 6.41
CA LYS A 792 31.93 21.43 5.50
C LYS A 792 30.76 20.90 4.67
N LEU A 793 29.55 21.12 5.15
CA LEU A 793 28.35 20.66 4.46
C LEU A 793 28.15 21.38 3.14
N PHE A 794 28.38 22.70 3.15
CA PHE A 794 28.24 23.51 1.95
C PHE A 794 29.35 23.20 0.95
N MET B 11 22.61 35.23 16.56
CA MET B 11 22.66 33.77 16.50
C MET B 11 21.50 33.16 17.29
N VAL B 12 20.73 32.29 16.64
CA VAL B 12 19.58 31.64 17.27
C VAL B 12 20.04 30.65 18.35
N THR B 13 19.56 30.85 19.57
CA THR B 13 19.94 30.01 20.69
C THR B 13 18.91 28.91 20.96
N ASP B 14 18.20 28.50 19.92
CA ASP B 14 17.18 27.45 20.06
C ASP B 14 17.46 26.30 19.10
N GLN B 15 16.51 25.38 19.02
CA GLN B 15 16.64 24.23 18.13
C GLN B 15 16.10 24.57 16.74
N PHE B 16 15.52 25.76 16.61
CA PHE B 16 14.99 26.22 15.34
C PHE B 16 16.10 26.76 14.44
N GLY B 17 17.31 26.82 14.98
CA GLY B 17 18.46 27.27 14.22
C GLY B 17 19.23 26.11 13.64
N MET B 18 20.46 26.38 13.20
CA MET B 18 21.31 25.35 12.61
C MET B 18 21.75 24.33 13.64
N ILE B 19 21.84 24.77 14.90
CA ILE B 19 22.28 23.91 15.99
C ILE B 19 21.33 22.72 16.18
N GLY B 20 20.03 23.03 16.22
CA GLY B 20 19.02 21.99 16.35
C GLY B 20 19.09 21.01 15.19
N LEU B 21 19.41 21.53 14.01
CA LEU B 21 19.53 20.71 12.81
C LEU B 21 20.71 19.75 12.92
N LEU B 22 21.87 20.26 13.32
CA LEU B 22 23.05 19.40 13.43
C LEU B 22 22.90 18.37 14.56
N THR B 23 22.28 18.77 15.66
CA THR B 23 22.01 17.86 16.76
C THR B 23 21.03 16.78 16.32
N PHE B 24 20.08 17.17 15.47
CA PHE B 24 19.14 16.21 14.89
C PHE B 24 19.87 15.22 13.97
N ILE B 25 20.86 15.73 13.24
CA ILE B 25 21.66 14.89 12.36
C ILE B 25 22.45 13.86 13.15
N ARG B 26 23.12 14.31 14.21
CA ARG B 26 23.89 13.42 15.07
C ARG B 26 22.99 12.39 15.76
N ALA B 27 21.85 12.86 16.26
CA ALA B 27 20.90 12.00 16.95
C ALA B 27 20.33 10.93 16.01
N ALA B 28 20.07 11.32 14.77
CA ALA B 28 19.58 10.38 13.77
C ALA B 28 20.68 9.40 13.38
N GLU B 29 21.93 9.87 13.45
CA GLU B 29 23.08 9.02 13.18
C GLU B 29 23.24 8.01 14.32
N THR B 30 22.73 8.37 15.50
CA THR B 30 22.78 7.48 16.65
C THR B 30 21.61 6.49 16.65
N ASP B 31 20.39 7.01 16.69
CA ASP B 31 19.21 6.16 16.73
C ASP B 31 18.48 6.14 15.39
N PRO B 32 18.08 4.93 14.93
CA PRO B 32 17.37 4.75 13.66
C PRO B 32 15.88 5.06 13.78
N GLY B 33 15.37 5.12 15.02
CA GLY B 33 13.96 5.40 15.25
C GLY B 33 13.68 6.88 15.37
N MET B 34 14.68 7.70 15.05
CA MET B 34 14.56 9.16 15.12
C MET B 34 14.90 9.78 13.79
N VAL B 35 14.96 8.96 12.74
CA VAL B 35 15.38 9.43 11.42
C VAL B 35 14.23 10.13 10.69
N HIS B 36 13.00 9.94 11.17
CA HIS B 36 11.84 10.53 10.53
C HIS B 36 11.85 12.05 10.55
N LEU B 37 12.63 12.64 11.46
CA LEU B 37 12.66 14.09 11.61
C LEU B 37 13.92 14.73 11.02
N ALA B 38 14.95 13.93 10.81
CA ALA B 38 16.24 14.49 10.42
C ALA B 38 16.68 14.17 8.99
N LEU B 39 17.39 13.05 8.82
CA LEU B 39 17.95 12.71 7.52
C LEU B 39 16.96 11.96 6.64
N GLY B 40 15.97 11.33 7.25
CA GLY B 40 15.00 10.54 6.51
C GLY B 40 15.59 9.22 6.05
N SER B 41 14.75 8.36 5.50
CA SER B 41 15.19 7.04 5.06
C SER B 41 15.24 6.94 3.53
N ASP B 42 16.12 6.08 3.04
CA ASP B 42 16.25 5.84 1.60
C ASP B 42 15.00 5.12 1.09
N LEU B 43 14.31 5.75 0.15
CA LEU B 43 13.06 5.19 -0.36
C LEU B 43 13.29 4.18 -1.48
N THR B 44 14.47 4.24 -2.10
CA THR B 44 14.80 3.32 -3.18
C THR B 44 15.15 1.94 -2.65
N THR B 45 15.48 1.87 -1.36
CA THR B 45 15.81 0.60 -0.73
C THR B 45 14.55 -0.22 -0.42
N LEU B 46 13.40 0.44 -0.55
CA LEU B 46 12.12 -0.23 -0.31
C LEU B 46 11.79 -1.20 -1.44
N GLY B 47 10.75 -2.01 -1.26
CA GLY B 47 10.42 -3.06 -2.20
C GLY B 47 10.06 -2.60 -3.60
N LEU B 48 9.20 -1.60 -3.70
CA LEU B 48 8.71 -1.13 -4.99
C LEU B 48 9.79 -0.48 -5.86
N ASN B 49 9.57 -0.48 -7.16
CA ASN B 49 10.50 0.12 -8.12
C ASN B 49 10.04 1.50 -8.57
N LEU B 50 10.71 2.52 -8.06
CA LEU B 50 10.33 3.91 -8.35
C LEU B 50 10.62 4.29 -9.80
N ASN B 51 11.55 3.57 -10.43
CA ASN B 51 11.91 3.83 -11.82
C ASN B 51 11.25 2.86 -12.79
N SER B 52 9.93 2.92 -12.88
CA SER B 52 9.18 2.07 -13.79
C SER B 52 8.26 2.89 -14.69
N PRO B 53 8.24 2.57 -15.99
CA PRO B 53 7.42 3.32 -16.95
C PRO B 53 5.93 3.10 -16.73
N GLU B 54 5.56 1.91 -16.29
CA GLU B 54 4.16 1.58 -16.03
C GLU B 54 3.85 1.68 -14.54
N ASN B 55 2.56 1.62 -14.21
CA ASN B 55 2.13 1.73 -12.82
C ASN B 55 2.65 0.58 -11.96
N LEU B 56 2.56 0.74 -10.64
CA LEU B 56 3.00 -0.29 -9.72
C LEU B 56 1.95 -0.65 -8.68
N TYR B 57 0.84 0.09 -8.68
CA TYR B 57 -0.27 -0.18 -7.78
C TYR B 57 -1.00 -1.53 -8.02
N PRO B 58 -1.12 -1.99 -9.28
CA PRO B 58 -1.78 -3.30 -9.41
C PRO B 58 -0.96 -4.45 -8.83
N LYS B 59 0.33 -4.23 -8.61
CA LYS B 59 1.18 -5.24 -7.99
C LYS B 59 1.56 -4.83 -6.57
N PHE B 60 0.77 -3.93 -5.98
CA PHE B 60 1.01 -3.49 -4.62
C PHE B 60 0.28 -4.40 -3.63
N ALA B 61 1.06 -5.14 -2.84
CA ALA B 61 0.50 -6.09 -1.90
C ALA B 61 -0.03 -5.42 -0.64
N SER B 62 0.88 -5.04 0.25
CA SER B 62 0.51 -4.45 1.52
C SER B 62 1.43 -3.28 1.85
N PRO B 63 1.03 -2.44 2.82
CA PRO B 63 1.90 -1.36 3.28
C PRO B 63 3.22 -1.86 3.86
N TRP B 64 3.26 -3.13 4.27
CA TRP B 64 4.45 -3.68 4.91
C TRP B 64 5.18 -4.70 4.04
N ALA B 65 4.70 -4.90 2.82
CA ALA B 65 5.33 -5.84 1.89
C ALA B 65 6.66 -5.30 1.40
N SER B 66 7.67 -6.15 1.39
CA SER B 66 9.00 -5.77 0.94
C SER B 66 9.24 -6.17 -0.51
N SER B 67 8.19 -6.61 -1.18
CA SER B 67 8.27 -7.04 -2.56
C SER B 67 6.89 -6.99 -3.22
N PRO B 68 6.84 -6.75 -4.53
CA PRO B 68 5.56 -6.68 -5.27
C PRO B 68 4.86 -8.03 -5.34
N CYS B 69 3.63 -8.03 -5.83
CA CYS B 69 2.83 -9.26 -5.91
C CYS B 69 3.37 -10.25 -6.93
N ARG B 70 3.29 -11.52 -6.59
CA ARG B 70 3.65 -12.60 -7.51
C ARG B 70 2.41 -12.96 -8.32
N PRO B 71 2.61 -13.55 -9.52
CA PRO B 71 1.47 -13.97 -10.34
C PRO B 71 0.57 -14.97 -9.62
N GLN B 72 1.12 -15.70 -8.67
CA GLN B 72 0.35 -16.67 -7.90
C GLN B 72 -0.36 -16.01 -6.73
N ASP B 73 -0.29 -14.69 -6.65
CA ASP B 73 -0.93 -13.95 -5.57
C ASP B 73 -2.06 -13.08 -6.11
N ILE B 74 -2.18 -13.01 -7.43
CA ILE B 74 -3.21 -12.20 -8.07
C ILE B 74 -4.42 -13.05 -8.46
N ASP B 75 -5.55 -12.77 -7.83
CA ASP B 75 -6.79 -13.49 -8.13
C ASP B 75 -7.36 -13.08 -9.47
N PHE B 76 -6.79 -13.63 -10.54
CA PHE B 76 -7.22 -13.31 -11.90
C PHE B 76 -8.51 -14.05 -12.25
N HIS B 77 -9.30 -13.47 -13.15
CA HIS B 77 -10.57 -14.08 -13.56
C HIS B 77 -10.35 -15.08 -14.68
N VAL B 78 -10.09 -16.33 -14.31
CA VAL B 78 -9.88 -17.41 -15.27
C VAL B 78 -11.21 -18.00 -15.72
N PRO B 79 -11.25 -18.61 -16.92
CA PRO B 79 -12.45 -19.29 -17.41
C PRO B 79 -12.96 -20.35 -16.44
N SER B 80 -14.26 -20.58 -16.44
CA SER B 80 -14.89 -21.53 -15.53
C SER B 80 -14.44 -22.97 -15.78
N GLU B 81 -13.91 -23.21 -16.98
CA GLU B 81 -13.41 -24.53 -17.34
C GLU B 81 -12.12 -24.83 -16.58
N TYR B 82 -11.36 -23.79 -16.28
CA TYR B 82 -10.08 -23.95 -15.61
C TYR B 82 -10.21 -24.36 -14.15
N LEU B 83 -11.21 -23.82 -13.45
CA LEU B 83 -11.43 -24.19 -12.07
C LEU B 83 -11.93 -25.64 -11.98
N THR B 84 -11.08 -26.51 -11.43
CA THR B 84 -11.37 -27.93 -11.38
C THR B 84 -11.11 -28.52 -10.00
N ASN B 85 -10.64 -27.67 -9.09
CA ASN B 85 -10.29 -28.09 -7.74
C ASN B 85 -11.49 -28.65 -6.96
N ILE B 86 -12.67 -28.11 -7.24
CA ILE B 86 -13.89 -28.56 -6.59
C ILE B 86 -14.29 -29.96 -7.08
N HIS B 87 -13.88 -30.29 -8.30
CA HIS B 87 -14.23 -31.56 -8.91
C HIS B 87 -13.22 -32.65 -8.58
N ILE B 88 -11.95 -32.28 -8.57
CA ILE B 88 -10.87 -33.24 -8.34
C ILE B 88 -10.23 -33.05 -6.97
N ARG B 89 -11.05 -32.76 -5.97
CA ARG B 89 -10.54 -32.58 -4.61
C ARG B 89 -10.25 -33.91 -3.95
N ASP B 90 -10.65 -34.99 -4.62
CA ASP B 90 -10.50 -36.34 -4.07
C ASP B 90 -9.50 -37.18 -4.85
N LYS B 91 -9.37 -36.90 -6.14
CA LYS B 91 -8.55 -37.72 -7.03
C LYS B 91 -7.16 -37.13 -7.27
N LEU B 92 -7.04 -35.80 -7.18
CA LEU B 92 -5.78 -35.12 -7.44
C LEU B 92 -4.68 -35.55 -6.48
N ALA B 93 -3.50 -35.80 -7.03
CA ALA B 93 -2.35 -36.26 -6.24
C ALA B 93 -1.90 -35.21 -5.23
N ALA B 94 -1.45 -35.68 -4.07
CA ALA B 94 -0.93 -34.80 -3.04
C ALA B 94 0.39 -34.20 -3.48
N ILE B 95 0.80 -33.12 -2.81
CA ILE B 95 2.03 -32.42 -3.16
C ILE B 95 3.25 -33.11 -2.54
N LYS B 96 3.97 -33.86 -3.35
CA LYS B 96 5.19 -34.52 -2.91
C LYS B 96 6.41 -33.96 -3.65
N LEU B 97 7.28 -33.27 -2.92
CA LEU B 97 8.45 -32.62 -3.50
C LEU B 97 9.44 -33.63 -4.08
N GLY B 98 9.41 -34.85 -3.55
CA GLY B 98 10.35 -35.88 -3.96
C GLY B 98 10.19 -36.34 -5.39
N ARG B 99 8.96 -36.35 -5.88
CA ARG B 99 8.67 -36.86 -7.22
C ARG B 99 8.48 -35.77 -8.25
N TYR B 100 9.20 -34.66 -8.07
CA TYR B 100 9.13 -33.55 -9.02
C TYR B 100 10.46 -33.38 -9.77
N GLY B 101 10.40 -32.74 -10.93
CA GLY B 101 11.59 -32.46 -11.70
C GLY B 101 12.37 -31.31 -11.10
N GLU B 102 13.66 -31.22 -11.41
CA GLU B 102 14.52 -30.17 -10.87
C GLU B 102 14.09 -28.79 -11.35
N ASP B 103 13.43 -28.74 -12.50
CA ASP B 103 12.90 -27.49 -13.03
C ASP B 103 11.82 -26.96 -12.11
N LEU B 104 10.90 -27.85 -11.73
CA LEU B 104 9.81 -27.51 -10.82
C LEU B 104 10.37 -27.14 -9.45
N LEU B 105 11.44 -27.80 -9.05
CA LEU B 105 12.09 -27.52 -7.78
C LEU B 105 12.68 -26.11 -7.76
N PHE B 106 13.36 -25.75 -8.86
CA PHE B 106 13.92 -24.42 -9.00
C PHE B 106 12.83 -23.36 -9.03
N TYR B 107 11.72 -23.69 -9.71
CA TYR B 107 10.56 -22.80 -9.74
C TYR B 107 10.05 -22.54 -8.32
N LEU B 108 9.82 -23.61 -7.58
CA LEU B 108 9.32 -23.50 -6.22
C LEU B 108 10.31 -22.80 -5.29
N TYR B 109 11.59 -22.88 -5.64
CA TYR B 109 12.62 -22.19 -4.87
C TYR B 109 12.56 -20.68 -5.11
N TYR B 110 12.75 -20.28 -6.36
CA TYR B 110 12.85 -18.86 -6.69
C TYR B 110 11.54 -18.10 -6.51
N MET B 111 10.42 -18.73 -6.82
CA MET B 111 9.13 -18.04 -6.76
C MET B 111 8.61 -17.85 -5.33
N ASN B 112 8.89 -18.82 -4.46
CA ASN B 112 8.37 -18.76 -3.10
C ASN B 112 9.37 -18.22 -2.08
N GLY B 113 9.98 -17.09 -2.40
CA GLY B 113 10.93 -16.46 -1.51
C GLY B 113 10.29 -16.00 -0.21
N GLY B 114 10.97 -16.21 0.90
CA GLY B 114 10.47 -15.83 2.20
C GLY B 114 9.42 -16.80 2.73
N ASP B 115 9.26 -17.92 2.04
CA ASP B 115 8.28 -18.92 2.42
C ASP B 115 8.96 -20.24 2.73
N VAL B 116 8.26 -21.15 3.41
CA VAL B 116 8.80 -22.45 3.77
C VAL B 116 9.02 -23.33 2.54
N LEU B 117 8.27 -23.06 1.47
CA LEU B 117 8.36 -23.84 0.25
C LEU B 117 9.73 -23.69 -0.40
N GLN B 118 10.31 -22.51 -0.27
CA GLN B 118 11.66 -22.26 -0.76
C GLN B 118 12.66 -23.14 -0.01
N LEU B 119 12.47 -23.24 1.29
CA LEU B 119 13.34 -24.06 2.13
C LEU B 119 13.20 -25.54 1.83
N LEU B 120 11.97 -26.00 1.62
CA LEU B 120 11.71 -27.39 1.29
C LEU B 120 12.32 -27.75 -0.06
N ALA B 121 12.13 -26.87 -1.04
CA ALA B 121 12.73 -27.05 -2.36
C ALA B 121 14.25 -27.08 -2.24
N ALA B 122 14.78 -26.24 -1.36
CA ALA B 122 16.21 -26.20 -1.11
C ALA B 122 16.70 -27.52 -0.50
N VAL B 123 15.86 -28.13 0.33
CA VAL B 123 16.19 -29.41 0.94
C VAL B 123 16.22 -30.50 -0.10
N GLU B 124 15.19 -30.53 -0.97
CA GLU B 124 15.15 -31.50 -2.04
C GLU B 124 16.34 -31.37 -2.98
N LEU B 125 16.67 -30.13 -3.35
CA LEU B 125 17.83 -29.87 -4.19
C LEU B 125 19.10 -30.34 -3.50
N PHE B 126 19.16 -30.12 -2.18
CA PHE B 126 20.28 -30.58 -1.37
C PHE B 126 20.39 -32.11 -1.45
N ASN B 127 19.24 -32.77 -1.57
CA ASN B 127 19.21 -34.21 -1.73
C ASN B 127 19.65 -34.65 -3.13
N ARG B 128 19.49 -33.77 -4.11
CA ARG B 128 19.91 -34.06 -5.48
C ARG B 128 21.36 -33.66 -5.69
N ASP B 129 22.12 -33.62 -4.60
CA ASP B 129 23.54 -33.24 -4.61
C ASP B 129 23.79 -31.82 -5.11
N TRP B 130 22.83 -30.93 -4.89
CA TRP B 130 23.03 -29.52 -5.18
C TRP B 130 23.43 -28.78 -3.90
N ARG B 131 24.39 -27.88 -4.02
CA ARG B 131 24.84 -27.07 -2.89
C ARG B 131 24.69 -25.60 -3.23
N TYR B 132 24.22 -24.82 -2.26
CA TYR B 132 24.01 -23.39 -2.48
C TYR B 132 25.19 -22.56 -2.00
N HIS B 133 25.81 -21.84 -2.93
CA HIS B 133 26.92 -20.97 -2.60
C HIS B 133 26.39 -19.66 -2.02
N LYS B 134 26.76 -19.37 -0.78
CA LYS B 134 26.25 -18.20 -0.06
C LYS B 134 26.68 -16.88 -0.71
N GLU B 135 27.90 -16.86 -1.23
CA GLU B 135 28.46 -15.63 -1.81
C GLU B 135 28.07 -15.47 -3.28
N GLU B 136 28.09 -16.57 -4.03
CA GLU B 136 27.75 -16.54 -5.45
C GLU B 136 26.25 -16.43 -5.65
N ARG B 137 25.49 -16.76 -4.61
CA ARG B 137 24.03 -16.64 -4.61
C ARG B 137 23.38 -17.49 -5.71
N VAL B 138 23.97 -18.65 -5.98
CA VAL B 138 23.44 -19.57 -6.99
C VAL B 138 23.52 -21.02 -6.53
N TRP B 139 22.79 -21.90 -7.21
CA TRP B 139 22.84 -23.33 -6.93
C TRP B 139 23.87 -24.03 -7.81
N ILE B 140 24.81 -24.73 -7.19
CA ILE B 140 25.90 -25.38 -7.92
C ILE B 140 25.90 -26.89 -7.66
N THR B 141 26.08 -27.67 -8.72
CA THR B 141 26.17 -29.12 -8.59
C THR B 141 27.31 -29.68 -9.45
N ARG B 142 27.57 -30.96 -9.32
CA ARG B 142 28.64 -31.61 -10.07
C ARG B 142 28.25 -31.80 -11.52
N ALA B 143 29.23 -31.69 -12.42
CA ALA B 143 29.02 -31.91 -13.84
C ALA B 143 29.42 -33.33 -14.22
N PRO B 144 28.68 -33.95 -15.15
CA PRO B 144 28.93 -35.34 -15.56
C PRO B 144 30.31 -35.53 -16.18
N GLY B 145 31.12 -36.39 -15.57
CA GLY B 145 32.45 -36.68 -16.06
C GLY B 145 33.48 -35.65 -15.65
N MET B 146 33.01 -34.60 -14.96
CA MET B 146 33.89 -33.53 -14.52
C MET B 146 34.29 -33.68 -13.05
N GLU B 147 35.56 -33.95 -12.82
CA GLU B 147 36.11 -34.01 -11.47
C GLU B 147 36.97 -32.78 -11.21
N PRO B 148 36.98 -32.30 -9.95
CA PRO B 148 37.75 -31.11 -9.58
C PRO B 148 39.25 -31.29 -9.84
N THR B 149 39.91 -30.23 -10.29
CA THR B 149 41.33 -30.28 -10.60
C THR B 149 42.16 -30.45 -9.32
N MET B 150 41.91 -29.58 -8.35
CA MET B 150 42.60 -29.65 -7.07
C MET B 150 41.63 -29.95 -5.94
N LYS B 151 42.03 -30.84 -5.03
CA LYS B 151 41.18 -31.23 -3.91
C LYS B 151 41.91 -31.09 -2.58
N THR B 152 41.58 -30.05 -1.84
CA THR B 152 42.17 -29.83 -0.52
C THR B 152 41.12 -30.00 0.57
N ASN B 153 41.56 -29.86 1.82
CA ASN B 153 40.66 -30.02 2.96
C ASN B 153 39.78 -28.79 3.18
N THR B 154 40.21 -27.66 2.64
CA THR B 154 39.49 -26.41 2.82
C THR B 154 38.64 -26.06 1.59
N TYR B 155 39.12 -26.44 0.40
CA TYR B 155 38.42 -26.10 -0.82
C TYR B 155 38.66 -27.10 -1.95
N GLU B 156 38.01 -26.85 -3.09
CA GLU B 156 38.24 -27.59 -4.31
C GLU B 156 37.82 -26.73 -5.49
N ARG B 157 38.57 -26.81 -6.59
CA ARG B 157 38.27 -25.99 -7.76
C ARG B 157 38.16 -26.80 -9.04
N GLY B 158 37.44 -26.27 -10.01
CA GLY B 158 37.24 -26.96 -11.27
C GLY B 158 35.91 -26.62 -11.93
N THR B 159 35.61 -27.27 -13.04
CA THR B 159 34.38 -26.99 -13.77
C THR B 159 33.18 -27.66 -13.13
N TYR B 160 32.16 -26.87 -12.82
CA TYR B 160 30.95 -27.39 -12.19
C TYR B 160 29.69 -26.95 -12.93
N TYR B 161 28.54 -27.50 -12.50
CA TYR B 161 27.26 -27.15 -13.08
C TYR B 161 26.48 -26.24 -12.13
N PHE B 162 26.23 -25.01 -12.55
CA PHE B 162 25.40 -24.10 -11.77
C PHE B 162 24.12 -23.78 -12.54
N PHE B 163 23.08 -23.36 -11.82
CA PHE B 163 21.81 -23.05 -12.46
C PHE B 163 21.61 -21.56 -12.67
N ASP B 164 21.68 -21.12 -13.92
CA ASP B 164 21.42 -19.74 -14.28
C ASP B 164 19.92 -19.47 -14.15
N CYS B 165 19.55 -18.57 -13.25
CA CYS B 165 18.15 -18.24 -13.04
C CYS B 165 17.69 -17.13 -13.99
N LEU B 166 18.65 -16.41 -14.55
CA LEU B 166 18.35 -15.33 -15.49
C LEU B 166 17.89 -15.89 -16.83
N ASN B 167 18.57 -16.94 -17.29
CA ASN B 167 18.20 -17.59 -18.55
C ASN B 167 17.40 -18.86 -18.32
N TRP B 168 17.25 -19.22 -17.04
CA TRP B 168 16.52 -20.43 -16.64
C TRP B 168 17.06 -21.67 -17.34
N ARG B 169 18.35 -21.92 -17.17
CA ARG B 169 19.02 -23.03 -17.83
C ARG B 169 20.31 -23.41 -17.10
N LYS B 170 20.61 -24.71 -17.08
CA LYS B 170 21.81 -25.20 -16.41
C LYS B 170 23.07 -24.90 -17.23
N VAL B 171 23.99 -24.15 -16.63
CA VAL B 171 25.20 -23.72 -17.32
C VAL B 171 26.45 -24.25 -16.60
N ALA B 172 27.48 -24.59 -17.36
CA ALA B 172 28.74 -25.04 -16.80
C ALA B 172 29.73 -23.88 -16.64
N LYS B 173 30.40 -23.83 -15.51
CA LYS B 173 31.36 -22.76 -15.23
C LYS B 173 32.43 -23.22 -14.24
N GLU B 174 33.65 -22.73 -14.41
CA GLU B 174 34.74 -23.06 -13.49
C GLU B 174 34.62 -22.26 -12.20
N PHE B 175 34.63 -22.97 -11.08
CA PHE B 175 34.52 -22.35 -9.77
C PHE B 175 35.69 -22.71 -8.86
N HIS B 176 35.87 -21.87 -7.84
CA HIS B 176 36.81 -22.15 -6.76
C HIS B 176 36.02 -22.29 -5.47
N LEU B 177 35.41 -23.47 -5.29
CA LEU B 177 34.48 -23.69 -4.19
C LEU B 177 35.16 -23.92 -2.86
N GLU B 178 34.91 -23.05 -1.90
CA GLU B 178 35.37 -23.26 -0.54
C GLU B 178 34.24 -23.84 0.31
N TYR B 179 34.57 -24.81 1.16
CA TYR B 179 33.58 -25.53 1.94
C TYR B 179 32.89 -24.65 2.98
N ASP B 180 33.54 -23.54 3.36
CA ASP B 180 32.95 -22.59 4.28
C ASP B 180 31.89 -21.76 3.57
N LYS B 181 32.11 -21.49 2.30
CA LYS B 181 31.19 -20.68 1.51
C LYS B 181 29.94 -21.48 1.13
N LEU B 182 30.06 -22.80 1.17
CA LEU B 182 28.92 -23.67 0.89
C LEU B 182 28.05 -23.82 2.12
N GLU B 183 26.77 -24.11 1.90
CA GLU B 183 25.83 -24.26 2.99
C GLU B 183 25.53 -25.74 3.23
N GLU B 184 25.42 -26.13 4.50
CA GLU B 184 24.99 -27.48 4.84
C GLU B 184 23.49 -27.62 4.59
N ARG B 185 22.90 -28.65 5.18
CA ARG B 185 21.47 -28.90 5.02
C ARG B 185 20.64 -27.75 5.60
N PRO B 186 19.68 -27.26 4.81
CA PRO B 186 18.77 -26.19 5.23
C PRO B 186 17.99 -26.56 6.49
N HIS B 187 17.80 -25.61 7.39
CA HIS B 187 17.08 -25.86 8.64
C HIS B 187 15.70 -25.25 8.59
N LEU B 188 14.73 -25.94 9.19
CA LEU B 188 13.34 -25.48 9.19
C LEU B 188 13.00 -24.77 10.50
N PRO B 189 12.45 -23.55 10.39
CA PRO B 189 12.07 -22.73 11.55
C PRO B 189 10.94 -23.37 12.35
N SER B 190 10.85 -23.02 13.63
CA SER B 190 9.78 -23.52 14.48
C SER B 190 9.00 -22.35 15.08
N THR B 191 9.14 -21.18 14.46
CA THR B 191 8.48 -19.97 14.94
C THR B 191 6.96 -20.05 14.78
N PHE B 192 6.26 -20.12 15.91
CA PHE B 192 4.80 -20.15 15.90
C PHE B 192 4.23 -18.79 15.51
N ASN B 193 3.17 -18.81 14.70
CA ASN B 193 2.52 -17.61 14.16
C ASN B 193 3.48 -16.49 13.73
N TYR B 194 4.42 -16.83 12.86
CA TYR B 194 5.38 -15.87 12.36
C TYR B 194 4.75 -14.89 11.38
N ASN B 195 5.04 -13.61 11.57
CA ASN B 195 4.53 -12.57 10.70
C ASN B 195 5.63 -11.56 10.36
N PRO B 196 6.04 -11.51 9.08
CA PRO B 196 7.14 -10.64 8.64
C PRO B 196 6.79 -9.16 8.74
N ALA B 197 5.51 -8.85 8.54
CA ALA B 197 5.04 -7.47 8.61
C ALA B 197 5.22 -6.85 9.99
N GLN B 198 5.47 -7.70 10.98
CA GLN B 198 5.73 -7.28 12.35
C GLN B 198 7.12 -6.71 12.53
N GLN B 199 8.00 -6.97 11.58
CA GLN B 199 9.38 -6.51 11.69
C GLN B 199 9.73 -5.55 10.56
N ALA B 200 8.72 -4.86 10.05
CA ALA B 200 8.91 -3.91 8.96
C ALA B 200 9.25 -2.51 9.47
N PHE B 201 9.75 -2.44 10.70
CA PHE B 201 10.12 -1.16 11.30
C PHE B 201 11.42 -0.62 10.69
N LEU C 20 1.88 13.59 24.54
CA LEU C 20 0.69 12.92 24.05
C LEU C 20 -0.50 13.17 24.96
N THR C 21 -1.70 13.20 24.38
CA THR C 21 -2.93 13.32 25.15
C THR C 21 -3.24 11.97 25.77
N LYS C 22 -4.09 11.97 26.80
CA LYS C 22 -4.55 10.74 27.44
C LYS C 22 -5.15 9.80 26.40
N GLU C 23 -6.02 10.35 25.56
CA GLU C 23 -6.65 9.61 24.49
C GLU C 23 -5.61 9.07 23.51
N GLN C 24 -4.61 9.90 23.22
CA GLN C 24 -3.54 9.51 22.29
C GLN C 24 -2.63 8.44 22.89
N LEU C 25 -2.45 8.49 24.20
CA LEU C 25 -1.69 7.47 24.90
C LEU C 25 -2.45 6.15 24.85
N TYR C 26 -3.77 6.24 24.99
CA TYR C 26 -4.65 5.08 24.83
C TYR C 26 -4.55 4.50 23.43
N GLN C 27 -4.47 5.39 22.44
CA GLN C 27 -4.36 4.98 21.04
C GLN C 27 -3.03 4.27 20.78
N GLN C 28 -1.96 4.81 21.35
CA GLN C 28 -0.63 4.22 21.21
C GLN C 28 -0.58 2.85 21.87
N ALA C 29 -1.21 2.74 23.04
CA ALA C 29 -1.27 1.48 23.76
C ALA C 29 -2.05 0.43 22.96
N MET C 30 -3.20 0.85 22.42
CA MET C 30 -4.03 -0.04 21.61
C MET C 30 -3.31 -0.51 20.37
N GLU C 31 -2.59 0.40 19.72
CA GLU C 31 -1.82 0.06 18.53
C GLU C 31 -0.71 -0.91 18.88
N GLU C 32 -0.09 -0.71 20.04
CA GLU C 32 0.94 -1.61 20.53
C GLU C 32 0.36 -3.00 20.77
N ALA C 33 -0.89 -3.04 21.24
CA ALA C 33 -1.58 -4.29 21.50
C ALA C 33 -1.91 -5.03 20.20
N ALA C 34 -2.40 -4.29 19.21
CA ALA C 34 -2.76 -4.86 17.93
C ALA C 34 -1.53 -5.18 17.09
N TRP C 35 -0.38 -4.68 17.54
CA TRP C 35 0.88 -4.94 16.85
C TRP C 35 1.31 -6.39 17.04
N HIS C 36 0.90 -6.98 18.16
CA HIS C 36 1.24 -8.37 18.46
C HIS C 36 0.59 -9.35 17.50
N HIS C 37 -0.52 -8.93 16.89
CA HIS C 37 -1.21 -9.77 15.91
C HIS C 37 -1.60 -8.99 14.67
N MET C 38 -0.61 -8.57 13.90
CA MET C 38 -0.85 -7.88 12.64
C MET C 38 -1.49 -8.83 11.64
N PRO C 39 -2.33 -8.29 10.74
CA PRO C 39 -3.02 -9.11 9.74
C PRO C 39 -2.06 -9.89 8.85
N HIS C 40 -2.30 -11.19 8.72
CA HIS C 40 -1.48 -12.06 7.90
C HIS C 40 -1.67 -11.70 6.42
N PRO C 41 -0.63 -11.89 5.60
CA PRO C 41 -0.71 -11.63 4.17
C PRO C 41 -1.81 -12.42 3.46
N SER C 42 -2.20 -13.55 4.03
CA SER C 42 -3.24 -14.39 3.43
C SER C 42 -4.65 -13.98 3.86
N ASP C 43 -4.74 -12.95 4.69
CA ASP C 43 -6.03 -12.43 5.13
C ASP C 43 -6.68 -11.63 4.02
N SER C 44 -5.86 -11.12 3.11
CA SER C 44 -6.32 -10.26 2.03
C SER C 44 -6.74 -11.05 0.80
N GLU C 45 -5.99 -12.11 0.50
CA GLU C 45 -6.24 -12.91 -0.69
C GLU C 45 -7.19 -14.08 -0.40
N ARG C 46 -7.80 -14.60 -1.45
CA ARG C 46 -8.68 -15.76 -1.34
C ARG C 46 -7.92 -16.95 -0.76
N ILE C 47 -8.62 -17.80 -0.04
CA ILE C 47 -7.99 -18.94 0.63
C ILE C 47 -7.34 -19.92 -0.36
N ARG C 48 -6.01 -19.94 -0.37
CA ARG C 48 -5.26 -20.87 -1.20
C ARG C 48 -5.42 -22.29 -0.68
N GLN C 49 -5.96 -23.17 -1.50
CA GLN C 49 -6.28 -24.53 -1.08
C GLN C 49 -5.05 -25.41 -0.91
N TYR C 50 -4.16 -25.39 -1.90
CA TYR C 50 -3.01 -26.29 -1.90
C TYR C 50 -1.71 -25.60 -1.50
N LEU C 51 -1.55 -24.34 -1.89
CA LEU C 51 -0.33 -23.61 -1.57
C LEU C 51 -0.61 -22.32 -0.81
N PRO C 52 -0.91 -22.42 0.49
CA PRO C 52 -1.13 -21.24 1.33
C PRO C 52 0.20 -20.52 1.57
N ARG C 53 0.14 -19.24 1.92
CA ARG C 53 1.35 -18.48 2.20
C ARG C 53 1.81 -18.74 3.63
N ASN C 54 2.96 -19.40 3.77
CA ASN C 54 3.51 -19.71 5.08
C ASN C 54 4.88 -19.05 5.28
N PRO C 55 4.88 -17.84 5.84
CA PRO C 55 6.11 -17.05 6.05
C PRO C 55 7.06 -17.72 7.04
N CYS C 56 8.36 -17.46 6.87
CA CYS C 56 9.38 -18.00 7.76
C CYS C 56 10.69 -17.23 7.59
N PRO C 57 11.49 -17.16 8.66
CA PRO C 57 12.80 -16.50 8.60
C PRO C 57 13.72 -17.14 7.56
N THR C 58 13.86 -16.48 6.41
CA THR C 58 14.71 -16.97 5.34
C THR C 58 16.08 -16.30 5.37
N PRO C 59 17.15 -17.10 5.33
CA PRO C 59 18.54 -16.61 5.32
C PRO C 59 18.77 -15.55 4.24
N PRO C 60 19.63 -14.57 4.54
CA PRO C 60 19.87 -13.42 3.65
C PRO C 60 20.50 -13.82 2.31
N TYR C 61 21.36 -14.83 2.31
CA TYR C 61 22.02 -15.27 1.08
C TYR C 61 21.05 -15.95 0.12
N HIS C 62 19.93 -16.43 0.65
CA HIS C 62 18.88 -16.99 -0.19
C HIS C 62 18.07 -15.87 -0.83
N HIS C 63 17.40 -16.18 -1.93
CA HIS C 63 16.63 -15.18 -2.66
C HIS C 63 15.32 -14.85 -1.94
N GLN C 64 15.24 -13.64 -1.41
CA GLN C 64 14.06 -13.20 -0.67
C GLN C 64 12.93 -12.83 -1.62
N MET C 65 13.26 -12.63 -2.88
CA MET C 65 12.26 -12.28 -3.89
C MET C 65 12.55 -12.98 -5.21
N PRO C 66 11.49 -13.26 -5.99
CA PRO C 66 11.66 -13.94 -7.29
C PRO C 66 12.42 -13.06 -8.29
N PRO C 67 13.11 -13.69 -9.25
CA PRO C 67 13.86 -12.98 -10.30
C PRO C 67 12.97 -12.01 -11.08
N PRO C 68 13.57 -10.96 -11.64
CA PRO C 68 12.81 -9.97 -12.41
C PRO C 68 12.22 -10.56 -13.68
N HIS C 69 11.17 -9.92 -14.20
CA HIS C 69 10.49 -10.38 -15.41
C HIS C 69 9.96 -11.80 -15.28
N SER C 70 9.58 -12.17 -14.06
CA SER C 70 8.99 -13.48 -13.83
C SER C 70 7.46 -13.41 -13.88
N ASP C 71 6.96 -12.25 -14.30
CA ASP C 71 5.53 -12.04 -14.43
C ASP C 71 5.12 -12.16 -15.90
N THR C 72 6.13 -12.24 -16.77
CA THR C 72 5.89 -12.31 -18.22
C THR C 72 5.60 -13.73 -18.67
N VAL C 73 4.90 -13.86 -19.80
CA VAL C 73 4.57 -15.16 -20.35
C VAL C 73 5.81 -15.87 -20.87
N GLU C 74 6.75 -15.09 -21.38
CA GLU C 74 8.00 -15.61 -21.91
C GLU C 74 8.79 -16.35 -20.82
N PHE C 75 8.65 -15.90 -19.59
CA PHE C 75 9.27 -16.55 -18.44
C PHE C 75 8.64 -17.93 -18.23
N TYR C 76 7.33 -18.01 -18.46
CA TYR C 76 6.61 -19.26 -18.31
C TYR C 76 6.85 -20.21 -19.49
N GLN C 77 7.31 -19.66 -20.60
CA GLN C 77 7.62 -20.47 -21.77
C GLN C 77 8.87 -21.32 -21.52
N ARG C 78 9.77 -20.82 -20.69
CA ARG C 78 11.01 -21.52 -20.37
C ARG C 78 10.75 -22.71 -19.44
N LEU C 79 9.66 -22.65 -18.69
CA LEU C 79 9.33 -23.68 -17.72
C LEU C 79 9.07 -25.03 -18.39
N SER C 80 9.31 -26.11 -17.64
CA SER C 80 8.99 -27.44 -18.12
C SER C 80 7.49 -27.66 -18.07
N THR C 81 7.01 -28.67 -18.79
CA THR C 81 5.58 -28.95 -18.86
C THR C 81 5.01 -29.31 -17.48
N GLU C 82 5.71 -30.18 -16.76
CA GLU C 82 5.29 -30.61 -15.43
C GLU C 82 5.10 -29.41 -14.50
N THR C 83 5.99 -28.44 -14.60
CA THR C 83 5.89 -27.21 -13.82
C THR C 83 4.60 -26.47 -14.15
N LEU C 84 4.32 -26.35 -15.45
CA LEU C 84 3.12 -25.67 -15.93
C LEU C 84 1.85 -26.34 -15.43
N PHE C 85 1.84 -27.68 -15.43
CA PHE C 85 0.71 -28.43 -14.92
C PHE C 85 0.56 -28.22 -13.42
N PHE C 86 1.70 -28.18 -12.73
CA PHE C 86 1.71 -27.93 -11.28
C PHE C 86 1.04 -26.59 -10.98
N ILE C 87 1.45 -25.56 -11.71
CA ILE C 87 0.89 -24.23 -11.56
C ILE C 87 -0.61 -24.23 -11.89
N PHE C 88 -0.98 -24.94 -12.94
CA PHE C 88 -2.36 -24.97 -13.39
C PHE C 88 -3.30 -25.63 -12.37
N TYR C 89 -2.85 -26.74 -11.78
CA TYR C 89 -3.72 -27.50 -10.89
C TYR C 89 -3.67 -27.04 -9.42
N TYR C 90 -2.52 -26.55 -8.98
CA TYR C 90 -2.35 -26.19 -7.57
C TYR C 90 -2.52 -24.70 -7.29
N LEU C 91 -2.51 -23.89 -8.34
CA LEU C 91 -2.74 -22.45 -8.19
C LEU C 91 -4.01 -22.04 -8.92
N GLU C 92 -5.14 -22.61 -8.50
CA GLU C 92 -6.41 -22.38 -9.16
C GLU C 92 -6.91 -20.95 -8.99
N GLY C 93 -7.41 -20.37 -10.08
CA GLY C 93 -8.02 -19.06 -10.05
C GLY C 93 -7.05 -17.92 -9.80
N THR C 94 -5.83 -18.05 -10.32
CA THR C 94 -4.83 -17.01 -10.17
C THR C 94 -4.28 -16.59 -11.52
N LYS C 95 -3.46 -15.54 -11.52
CA LYS C 95 -2.80 -15.08 -12.74
C LYS C 95 -1.77 -16.12 -13.17
N ALA C 96 -1.22 -16.84 -12.20
CA ALA C 96 -0.25 -17.89 -12.47
C ALA C 96 -0.87 -18.99 -13.31
N GLN C 97 -2.10 -19.39 -12.97
CA GLN C 97 -2.82 -20.40 -13.74
C GLN C 97 -3.09 -19.90 -15.15
N TYR C 98 -3.38 -18.61 -15.26
CA TYR C 98 -3.63 -17.96 -16.55
C TYR C 98 -2.41 -18.05 -17.45
N LEU C 99 -1.28 -17.59 -16.93
CA LEU C 99 -0.03 -17.58 -17.68
C LEU C 99 0.42 -19.00 -18.04
N ALA C 100 0.23 -19.92 -17.10
CA ALA C 100 0.58 -21.32 -17.31
C ALA C 100 -0.26 -21.92 -18.43
N ALA C 101 -1.56 -21.62 -18.41
CA ALA C 101 -2.48 -22.11 -19.42
C ALA C 101 -2.15 -21.54 -20.79
N LYS C 102 -1.77 -20.26 -20.81
CA LYS C 102 -1.33 -19.62 -22.05
C LYS C 102 -0.09 -20.32 -22.60
N ALA C 103 0.86 -20.59 -21.72
CA ALA C 103 2.10 -21.27 -22.09
C ALA C 103 1.83 -22.68 -22.62
N LEU C 104 0.83 -23.33 -22.05
CA LEU C 104 0.45 -24.67 -22.47
C LEU C 104 -0.21 -24.64 -23.86
N LYS C 105 -1.14 -23.72 -24.04
CA LYS C 105 -1.83 -23.58 -25.33
C LYS C 105 -0.85 -23.21 -26.44
N LYS C 106 0.13 -22.38 -26.13
CA LYS C 106 1.15 -22.01 -27.10
C LYS C 106 2.09 -23.19 -27.40
N GLN C 107 2.11 -24.16 -26.48
CA GLN C 107 2.91 -25.36 -26.66
C GLN C 107 2.04 -26.47 -27.26
N SER C 108 0.97 -26.07 -27.94
CA SER C 108 0.04 -26.99 -28.58
C SER C 108 -0.59 -28.00 -27.61
N TRP C 109 -1.13 -27.50 -26.51
CA TRP C 109 -1.85 -28.32 -25.56
C TRP C 109 -3.32 -27.91 -25.46
N ARG C 110 -4.21 -28.84 -25.76
CA ARG C 110 -5.64 -28.57 -25.69
C ARG C 110 -6.24 -29.05 -24.38
N PHE C 111 -7.06 -28.22 -23.75
CA PHE C 111 -7.69 -28.57 -22.48
C PHE C 111 -9.08 -29.16 -22.70
N HIS C 112 -9.35 -30.27 -22.03
CA HIS C 112 -10.65 -30.93 -22.15
C HIS C 112 -11.55 -30.55 -20.98
N THR C 113 -12.84 -30.43 -21.25
CA THR C 113 -13.79 -29.98 -20.24
C THR C 113 -14.27 -31.11 -19.33
N LYS C 114 -14.66 -32.23 -19.94
CA LYS C 114 -15.19 -33.36 -19.17
C LYS C 114 -14.12 -34.06 -18.35
N TYR C 115 -12.96 -34.27 -18.95
CA TYR C 115 -11.86 -34.98 -18.28
C TYR C 115 -10.98 -34.04 -17.47
N MET C 116 -11.07 -32.74 -17.78
CA MET C 116 -10.35 -31.70 -17.04
C MET C 116 -8.84 -31.92 -17.03
N MET C 117 -8.29 -32.17 -18.22
CA MET C 117 -6.84 -32.34 -18.37
C MET C 117 -6.39 -31.92 -19.76
N TRP C 118 -5.09 -31.72 -19.91
CA TRP C 118 -4.53 -31.23 -21.17
C TRP C 118 -4.10 -32.36 -22.10
N PHE C 119 -4.27 -32.16 -23.39
CA PHE C 119 -3.92 -33.16 -24.39
C PHE C 119 -3.03 -32.59 -25.48
N GLN C 120 -2.15 -33.43 -26.02
CA GLN C 120 -1.29 -33.03 -27.12
C GLN C 120 -1.26 -34.14 -28.18
N ARG C 121 -1.22 -33.74 -29.45
CA ARG C 121 -1.20 -34.70 -30.54
C ARG C 121 0.12 -35.47 -30.59
N HIS C 122 0.06 -36.74 -30.22
CA HIS C 122 1.23 -37.62 -30.34
C HIS C 122 1.51 -37.87 -31.81
N GLU C 123 0.44 -37.94 -32.59
CA GLU C 123 0.54 -38.11 -34.04
C GLU C 123 -0.76 -37.64 -34.68
N GLU C 124 -0.68 -37.17 -35.91
CA GLU C 124 -1.85 -36.69 -36.64
C GLU C 124 -2.93 -37.76 -36.73
N PRO C 125 -4.14 -37.44 -36.26
CA PRO C 125 -5.27 -38.37 -36.18
C PRO C 125 -5.73 -38.84 -37.56
N LYS C 126 -6.26 -40.06 -37.62
CA LYS C 126 -6.73 -40.63 -38.87
C LYS C 126 -8.08 -40.03 -39.27
N THR C 127 -9.00 -40.00 -38.32
CA THR C 127 -10.34 -39.47 -38.57
C THR C 127 -10.48 -38.05 -37.98
N ILE C 128 -10.70 -37.08 -38.85
CA ILE C 128 -10.87 -35.70 -38.41
C ILE C 128 -12.17 -35.08 -38.95
N THR C 129 -13.09 -34.77 -38.03
CA THR C 129 -14.36 -34.16 -38.40
C THR C 129 -14.62 -32.93 -37.55
N ASP C 130 -15.68 -32.20 -37.87
CA ASP C 130 -16.05 -31.00 -37.12
C ASP C 130 -16.78 -31.36 -35.83
N GLU C 131 -17.36 -32.56 -35.80
CA GLU C 131 -18.08 -33.02 -34.62
C GLU C 131 -17.11 -33.46 -33.53
N PHE C 132 -16.15 -34.31 -33.90
CA PHE C 132 -15.15 -34.80 -32.96
C PHE C 132 -13.83 -35.10 -33.66
N GLU C 133 -12.76 -35.28 -32.89
CA GLU C 133 -11.45 -35.56 -33.43
C GLU C 133 -10.84 -36.78 -32.76
N GLN C 134 -10.95 -37.93 -33.42
CA GLN C 134 -10.47 -39.19 -32.86
C GLN C 134 -9.07 -39.54 -33.35
N GLY C 135 -8.21 -39.95 -32.42
CA GLY C 135 -6.84 -40.32 -32.75
C GLY C 135 -6.03 -40.69 -31.52
N THR C 136 -4.72 -40.83 -31.71
CA THR C 136 -3.81 -41.16 -30.61
C THR C 136 -3.15 -39.90 -30.05
N TYR C 137 -3.28 -39.70 -28.74
CA TYR C 137 -2.76 -38.48 -28.12
C TYR C 137 -1.98 -38.78 -26.84
N ILE C 138 -1.46 -37.72 -26.22
CA ILE C 138 -0.81 -37.84 -24.92
C ILE C 138 -1.43 -36.85 -23.94
N TYR C 139 -1.44 -37.20 -22.66
CA TYR C 139 -2.04 -36.35 -21.64
C TYR C 139 -1.31 -36.42 -20.32
N PHE C 140 -1.74 -35.62 -19.35
CA PHE C 140 -1.14 -35.59 -18.03
C PHE C 140 -2.15 -36.00 -16.98
N ASP C 141 -1.94 -37.17 -16.38
CA ASP C 141 -2.85 -37.68 -15.35
C ASP C 141 -2.58 -36.95 -14.04
N TYR C 142 -3.60 -36.23 -13.55
CA TYR C 142 -3.47 -35.48 -12.30
C TYR C 142 -3.45 -36.39 -11.08
N GLU C 143 -3.93 -37.63 -11.24
CA GLU C 143 -4.04 -38.56 -10.13
C GLU C 143 -2.74 -39.28 -9.85
N LYS C 144 -2.06 -39.73 -10.91
CA LYS C 144 -0.79 -40.44 -10.77
C LYS C 144 0.38 -39.48 -10.96
N TRP C 145 0.08 -38.26 -11.38
CA TRP C 145 1.08 -37.23 -11.66
C TRP C 145 2.14 -37.70 -12.65
N GLY C 146 1.76 -37.76 -13.92
CA GLY C 146 2.67 -38.19 -14.97
C GLY C 146 2.00 -38.18 -16.33
N GLN C 147 2.81 -38.37 -17.38
CA GLN C 147 2.28 -38.37 -18.74
C GLN C 147 1.89 -39.78 -19.20
N ARG C 148 0.66 -39.89 -19.71
CA ARG C 148 0.17 -41.17 -20.22
C ARG C 148 -0.27 -41.02 -21.67
N LYS C 149 -0.21 -42.11 -22.42
CA LYS C 149 -0.60 -42.10 -23.83
C LYS C 149 -1.95 -42.79 -24.05
N LYS C 150 -2.81 -42.15 -24.84
CA LYS C 150 -4.13 -42.71 -25.13
C LYS C 150 -4.28 -43.06 -26.60
N GLU C 151 -4.67 -44.30 -26.87
CA GLU C 151 -4.86 -44.79 -28.23
C GLU C 151 -6.34 -44.83 -28.60
N GLY C 152 -6.66 -44.30 -29.77
CA GLY C 152 -8.03 -44.28 -30.25
C GLY C 152 -8.94 -43.41 -29.41
N PHE C 153 -8.39 -42.33 -28.88
CA PHE C 153 -9.15 -41.41 -28.05
C PHE C 153 -9.99 -40.45 -28.90
N THR C 154 -11.27 -40.33 -28.56
CA THR C 154 -12.17 -39.45 -29.28
C THR C 154 -12.28 -38.10 -28.57
N PHE C 155 -11.59 -37.10 -29.12
CA PHE C 155 -11.60 -35.76 -28.55
C PHE C 155 -12.73 -34.93 -29.15
N GLU C 156 -13.90 -34.97 -28.51
CA GLU C 156 -15.04 -34.21 -28.99
C GLU C 156 -14.85 -32.71 -28.78
N TYR C 157 -15.33 -31.91 -29.71
CA TYR C 157 -15.22 -30.46 -29.63
C TYR C 157 -16.33 -29.88 -28.75
N ARG C 158 -17.21 -30.74 -28.25
CA ARG C 158 -18.28 -30.33 -27.36
C ARG C 158 -17.73 -30.04 -25.96
N TYR C 159 -16.49 -30.47 -25.73
CA TYR C 159 -15.85 -30.24 -24.44
C TYR C 159 -14.57 -29.42 -24.62
N LEU C 160 -14.68 -28.33 -25.37
CA LEU C 160 -13.55 -27.45 -25.63
C LEU C 160 -13.99 -26.00 -25.74
N GLU C 161 -13.27 -25.11 -25.05
CA GLU C 161 -13.58 -23.69 -25.07
C GLU C 161 -12.34 -22.86 -24.78
#